data_6W16
#
_entry.id   6W16
#
_cell.length_a   128.489
_cell.length_b   128.489
_cell.length_c   188.352
_cell.angle_alpha   90.000
_cell.angle_beta   90.000
_cell.angle_gamma   120.000
#
_symmetry.space_group_name_H-M   'P 65'
#
loop_
_entity.id
_entity.type
_entity.pdbx_description
1 polymer 'Fusion glycoprotein F0,Envelope glycoprotein fusion'
2 polymer '458 Fab heavy chain'
3 polymer '458 Fab light chain'
4 branched alpha-D-mannopyranose-(1-3)-[alpha-D-mannopyranose-(1-6)]beta-D-mannopyranose-(1-4)-2-acetamido-2-deoxy-beta-D-glucopyranose-(1-4)-2-acetamido-2-deoxy-beta-D-glucopyranose
5 non-polymer 2-acetamido-2-deoxy-beta-D-glucopyranose
#
loop_
_entity_poly.entity_id
_entity_poly.type
_entity_poly.pdbx_seq_one_letter_code
_entity_poly.pdbx_strand_id
1 'polypeptide(L)'
;MSWKVMIIISLLITPQHGLKESYLEESCSTITEGYLSVLRTGWYTNVFTLEVGDVENLTCTDGPSLIKTELDLTKSALRE
LKTVSADQLAREEQIENPRQSKKRKRRVATAAAVTAGIAIAKTIRLESEVNAIKGALKTTNEAVSTLGNGVRVLATAVRE
LKEFVSKNLTSAINKNKCDIADLKMAVSFSQFNRRFLNVVRQFSDNAGITPAISLDLMTDAELARAVSYMPTSAGQIKLM
LENRAMVRRKGFGILIGVYGSSVIYMVQLPIFGVIDTPCWIIKAAPSCSEKDGNYACLLREDQGWYCKNAGSTVYYPNEK
DCETRGDHVFCDTAAGINVAEQSRECNINISTTNYPCKVSTGRHPISMVALSPLGALVACYKGVSCSIGSNRVGIIKQLP
KGCSYITNQDADTVTIDNTVYQLSKVEGEQHVIKGRPVSSSFDPIRFPEDQFNVALDQVFESIENSQALVDQSNKILNSA
EKGNTSGRENLYFQGGGGGSGYIPEAPRDGQAYVRKDGEWVLLSTFLGGTEGRHHHHHH
;
F
2 'polypeptide(L)'
;QGKLVESGGGVIQPGRSLRLSCAASGFDFSRYGLHWVRQAPGKGLEWVAVIVYAGSNKYYADSVKGRFTISKDNSKNTMH
LQMSDLRTEDTAVYYCARDQAFDLWGQGTMVTVSSASTKGPSVFPLAPSSKSTGGGTAALGCLVKDYFPEPVTVSWNSGA
LTSGVHTFPAVLQSSGLYSLSSVVTVPSSSLGTQTYICNVNHKPSNTKVDKKVEPKSCD
;
H
3 'polypeptide(L)'
;DIQMTQSPASLSASVGDRVTITCQASQGISRSVNWYQQKPGKAPKLLIFDASHLERGVPSRFSGSGYGTDFTFTISSLQP
EDIATYYCQQYDNLRISFGQGTRLEIKRTVAAPSVFIFPPSDEQLKSGTASVVCLLNNFYPREAKVQWKVDNALQSGNSQ
ESVTEQDSKDSTYSLSSTLTLSKADYEKHKVYACEVTHQGLSSPVTKSFNRGEC
;
L
#
# COMPACT_ATOMS: atom_id res chain seq x y z
N LEU A 19 15.89 -53.94 -1.52
CA LEU A 19 16.50 -53.20 -2.62
C LEU A 19 17.85 -53.78 -2.99
N LYS A 20 18.06 -54.02 -4.30
CA LYS A 20 19.28 -54.66 -4.81
C LYS A 20 20.08 -53.66 -5.63
N GLU A 21 21.14 -53.11 -5.04
CA GLU A 21 22.03 -52.19 -5.74
C GLU A 21 23.23 -52.99 -6.25
N SER A 22 23.46 -52.93 -7.56
CA SER A 22 24.55 -53.64 -8.23
C SER A 22 25.50 -52.59 -8.82
N TYR A 23 26.81 -52.82 -8.63
CA TYR A 23 27.89 -51.91 -9.08
C TYR A 23 28.44 -52.36 -10.42
N LEU A 24 28.09 -51.63 -11.48
CA LEU A 24 28.57 -51.92 -12.84
C LEU A 24 29.88 -51.15 -13.06
N GLU A 25 31.02 -51.87 -13.00
CA GLU A 25 32.34 -51.27 -12.94
C GLU A 25 32.85 -50.78 -14.29
N GLU A 26 32.35 -51.36 -15.39
CA GLU A 26 32.81 -50.96 -16.73
C GLU A 26 32.41 -49.54 -17.07
N SER A 27 31.31 -49.07 -16.49
CA SER A 27 30.68 -47.80 -16.83
C SER A 27 30.69 -46.79 -15.69
N CYS A 28 31.25 -47.16 -14.53
CA CYS A 28 31.13 -46.38 -13.31
C CYS A 28 29.66 -46.02 -13.07
N SER A 29 28.85 -47.06 -12.85
CA SER A 29 27.43 -46.82 -12.62
C SER A 29 26.87 -47.77 -11.56
N THR A 30 25.72 -47.40 -11.01
CA THR A 30 24.93 -48.26 -10.14
C THR A 30 23.53 -48.39 -10.69
N ILE A 31 23.03 -49.62 -10.67
CA ILE A 31 21.60 -49.85 -10.84
C ILE A 31 21.04 -50.29 -9.49
N THR A 32 20.06 -49.56 -8.98
CA THR A 32 19.37 -49.97 -7.77
C THR A 32 17.97 -50.39 -8.15
N GLU A 33 17.59 -51.62 -7.78
CA GLU A 33 16.42 -52.31 -8.30
C GLU A 33 15.46 -52.70 -7.19
N GLY A 34 14.25 -53.00 -7.64
CA GLY A 34 13.19 -53.44 -6.76
C GLY A 34 12.48 -52.31 -6.05
N TYR A 35 12.24 -51.20 -6.75
CA TYR A 35 11.33 -50.18 -6.26
C TYR A 35 9.92 -50.48 -6.78
N LEU A 36 8.94 -49.74 -6.27
CA LEU A 36 7.54 -49.92 -6.67
C LEU A 36 6.86 -48.58 -6.93
N SER A 37 6.22 -48.46 -8.09
CA SER A 37 5.83 -47.17 -8.63
C SER A 37 4.56 -46.63 -8.00
N VAL A 38 4.41 -45.31 -8.07
CA VAL A 38 3.19 -44.56 -7.77
C VAL A 38 3.11 -43.44 -8.79
N LEU A 39 2.29 -43.59 -9.80
CA LEU A 39 2.29 -42.67 -10.93
C LEU A 39 1.16 -41.66 -10.78
N ARG A 40 1.49 -40.37 -10.81
CA ARG A 40 0.41 -39.37 -10.84
C ARG A 40 -0.24 -39.38 -12.22
N THR A 41 -1.55 -39.62 -12.28
CA THR A 41 -2.26 -39.80 -13.54
C THR A 41 -3.37 -38.77 -13.77
N GLY A 42 -3.45 -37.74 -12.94
CA GLY A 42 -4.57 -36.82 -13.01
C GLY A 42 -4.62 -35.95 -11.76
N TRP A 43 -5.60 -35.05 -11.73
CA TRP A 43 -5.69 -34.01 -10.70
C TRP A 43 -7.11 -33.91 -10.20
N TYR A 44 -7.28 -34.07 -8.90
CA TYR A 44 -8.58 -33.92 -8.26
C TYR A 44 -8.73 -32.48 -7.79
N THR A 45 -9.94 -31.93 -7.94
CA THR A 45 -10.22 -30.54 -7.61
C THR A 45 -11.22 -30.45 -6.46
N ASN A 46 -10.83 -29.78 -5.38
CA ASN A 46 -11.64 -29.61 -4.18
C ASN A 46 -11.86 -28.12 -4.00
N VAL A 47 -13.12 -27.66 -4.13
CA VAL A 47 -13.46 -26.25 -3.95
C VAL A 47 -13.90 -26.02 -2.51
N PHE A 48 -13.44 -24.93 -1.92
CA PHE A 48 -13.72 -24.57 -0.54
C PHE A 48 -14.47 -23.24 -0.51
N THR A 49 -15.50 -23.19 0.33
CA THR A 49 -16.19 -21.95 0.70
C THR A 49 -15.97 -21.74 2.19
N LEU A 50 -15.02 -20.86 2.55
CA LEU A 50 -14.78 -20.50 3.93
C LEU A 50 -15.68 -19.35 4.26
N GLU A 51 -16.55 -19.53 5.25
CA GLU A 51 -17.62 -18.58 5.54
C GLU A 51 -17.26 -17.76 6.75
N VAL A 52 -17.32 -16.43 6.59
CA VAL A 52 -16.96 -15.51 7.66
C VAL A 52 -18.20 -15.03 8.41
N GLY A 53 -19.36 -15.09 7.80
CA GLY A 53 -20.55 -14.65 8.50
C GLY A 53 -20.58 -13.16 8.52
N ASP A 54 -21.66 -12.62 9.09
CA ASP A 54 -21.96 -11.20 8.91
C ASP A 54 -21.14 -10.39 9.88
N VAL A 55 -19.95 -9.97 9.46
CA VAL A 55 -19.19 -9.07 10.34
C VAL A 55 -19.38 -7.63 9.96
N GLU A 56 -20.12 -7.34 8.88
CA GLU A 56 -20.25 -5.96 8.42
C GLU A 56 -20.97 -5.10 9.46
N ASN A 57 -22.01 -5.65 10.08
CA ASN A 57 -22.83 -4.92 11.03
C ASN A 57 -22.35 -5.02 12.46
N LEU A 58 -21.23 -5.68 12.73
CA LEU A 58 -20.67 -5.72 14.07
C LEU A 58 -19.62 -4.62 14.19
N THR A 59 -19.76 -3.79 15.23
CA THR A 59 -18.93 -2.61 15.44
C THR A 59 -18.64 -2.47 16.92
N CYS A 60 -17.44 -2.01 17.26
CA CYS A 60 -17.09 -1.77 18.66
C CYS A 60 -16.93 -0.28 18.88
N THR A 61 -17.50 0.22 19.98
CA THR A 61 -17.50 1.65 20.32
C THR A 61 -16.90 1.94 21.68
N ASP A 62 -16.42 0.93 22.41
CA ASP A 62 -15.84 1.10 23.74
C ASP A 62 -14.32 1.02 23.73
N GLY A 63 -13.69 1.54 22.67
CA GLY A 63 -12.25 1.65 22.61
C GLY A 63 -11.48 0.34 22.60
N PRO A 64 -10.18 0.42 22.83
CA PRO A 64 -9.33 -0.78 22.81
C PRO A 64 -9.91 -1.96 23.58
N SER A 65 -9.77 -3.14 22.97
CA SER A 65 -10.39 -4.42 23.29
C SER A 65 -9.76 -5.50 22.45
N LEU A 66 -9.53 -6.67 23.05
CA LEU A 66 -9.07 -7.85 22.28
C LEU A 66 -10.06 -8.22 21.18
N ILE A 67 -11.35 -8.22 21.49
CA ILE A 67 -12.35 -8.55 20.49
C ILE A 67 -12.35 -7.51 19.37
N LYS A 68 -12.22 -6.21 19.70
CA LYS A 68 -12.21 -5.18 18.64
C LYS A 68 -11.05 -5.38 17.69
N THR A 69 -9.88 -5.70 18.21
CA THR A 69 -8.76 -5.87 17.32
C THR A 69 -8.96 -7.11 16.48
N GLU A 70 -9.42 -8.21 17.06
CA GLU A 70 -9.57 -9.37 16.20
C GLU A 70 -10.67 -9.15 15.17
N LEU A 71 -11.71 -8.38 15.52
CA LEU A 71 -12.77 -8.06 14.58
C LEU A 71 -12.24 -7.20 13.43
N ASP A 72 -11.60 -6.07 13.75
CA ASP A 72 -10.95 -5.23 12.75
C ASP A 72 -10.00 -6.05 11.88
N LEU A 73 -9.29 -7.01 12.48
CA LEU A 73 -8.39 -7.87 11.73
C LEU A 73 -9.13 -8.73 10.73
N THR A 74 -10.28 -9.26 11.11
CA THR A 74 -11.11 -10.00 10.15
C THR A 74 -11.56 -9.09 9.03
N LYS A 75 -12.12 -7.94 9.40
CA LYS A 75 -12.66 -7.03 8.40
C LYS A 75 -11.60 -6.65 7.38
N SER A 76 -10.41 -6.28 7.87
CA SER A 76 -9.32 -5.90 6.95
C SER A 76 -8.78 -7.08 6.17
N ALA A 77 -8.95 -8.31 6.65
CA ALA A 77 -8.57 -9.44 5.82
C ALA A 77 -9.52 -9.60 4.63
N LEU A 78 -10.82 -9.45 4.88
CA LEU A 78 -11.77 -9.46 3.78
C LEU A 78 -11.38 -8.43 2.74
N ARG A 79 -11.04 -7.21 3.20
CA ARG A 79 -10.71 -6.15 2.25
C ARG A 79 -9.43 -6.46 1.49
N GLU A 80 -8.44 -7.08 2.16
CA GLU A 80 -7.21 -7.43 1.46
C GLU A 80 -7.48 -8.43 0.36
N LEU A 81 -8.26 -9.46 0.68
CA LEU A 81 -8.56 -10.47 -0.33
C LEU A 81 -9.34 -9.87 -1.49
N LYS A 82 -10.25 -8.93 -1.21
CA LYS A 82 -10.92 -8.23 -2.31
C LYS A 82 -9.91 -7.51 -3.20
N THR A 83 -8.87 -6.93 -2.58
CA THR A 83 -7.83 -6.27 -3.39
C THR A 83 -7.03 -7.28 -4.21
N VAL A 84 -6.68 -8.40 -3.60
CA VAL A 84 -5.90 -9.42 -4.30
C VAL A 84 -6.68 -9.98 -5.47
N SER A 85 -7.98 -10.20 -5.28
CA SER A 85 -8.76 -10.77 -6.35
C SER A 85 -8.89 -9.76 -7.48
N ALA A 86 -9.21 -8.50 -7.16
CA ALA A 86 -9.12 -7.40 -8.13
C ALA A 86 -7.84 -7.42 -8.98
N ASP A 87 -6.67 -7.51 -8.36
CA ASP A 87 -5.46 -7.52 -9.18
C ASP A 87 -5.37 -8.75 -10.08
N GLN A 88 -5.90 -9.91 -9.64
CA GLN A 88 -5.87 -11.14 -10.43
C GLN A 88 -6.86 -11.00 -11.58
N LEU A 89 -6.40 -10.37 -12.65
CA LEU A 89 -7.21 -10.11 -13.83
C LEU A 89 -6.50 -10.64 -15.08
N ALA A 90 -7.22 -11.49 -15.82
CA ALA A 90 -6.82 -11.97 -17.13
C ALA A 90 -6.54 -10.79 -18.08
N ARG A 91 -5.28 -10.70 -18.53
CA ARG A 91 -4.89 -9.77 -19.58
C ARG A 91 -4.36 -10.53 -20.80
N VAL A 108 7.03 -26.61 -6.40
CA VAL A 108 6.82 -28.07 -6.66
C VAL A 108 5.61 -28.23 -7.58
N ALA A 109 5.31 -27.22 -8.36
CA ALA A 109 4.20 -27.27 -9.30
C ALA A 109 4.74 -26.94 -10.68
N THR A 110 4.61 -27.88 -11.61
CA THR A 110 4.99 -27.59 -12.99
C THR A 110 4.20 -26.42 -13.52
N ALA A 111 4.83 -25.64 -14.41
CA ALA A 111 4.03 -24.68 -15.17
C ALA A 111 2.87 -25.39 -15.86
N ALA A 112 3.05 -26.67 -16.20
CA ALA A 112 1.96 -27.47 -16.74
C ALA A 112 0.83 -27.63 -15.72
N ALA A 113 1.17 -28.13 -14.52
CA ALA A 113 0.20 -28.32 -13.45
C ALA A 113 -0.57 -27.04 -13.13
N VAL A 114 0.15 -25.92 -13.05
CA VAL A 114 -0.48 -24.67 -12.69
C VAL A 114 -1.37 -24.19 -13.83
N THR A 115 -0.93 -24.34 -15.08
CA THR A 115 -1.79 -23.80 -16.14
C THR A 115 -3.07 -24.60 -16.22
N ALA A 116 -2.98 -25.91 -16.03
CA ALA A 116 -4.17 -26.73 -15.85
C ALA A 116 -5.09 -26.14 -14.77
N GLY A 117 -4.53 -25.89 -13.57
CA GLY A 117 -5.36 -25.41 -12.48
C GLY A 117 -5.99 -24.05 -12.77
N ILE A 118 -5.23 -23.18 -13.43
CA ILE A 118 -5.78 -21.86 -13.77
C ILE A 118 -6.99 -22.02 -14.68
N ALA A 119 -6.93 -23.00 -15.60
CA ALA A 119 -8.06 -23.27 -16.49
C ALA A 119 -9.29 -23.68 -15.70
N ILE A 120 -9.12 -24.66 -14.80
CA ILE A 120 -10.23 -25.08 -13.95
C ILE A 120 -10.80 -23.88 -13.20
N ALA A 121 -9.91 -23.04 -12.68
CA ALA A 121 -10.36 -21.92 -11.86
C ALA A 121 -11.15 -20.91 -12.67
N LYS A 122 -10.73 -20.63 -13.91
CA LYS A 122 -11.51 -19.77 -14.80
C LYS A 122 -12.92 -20.31 -14.96
N THR A 123 -13.04 -21.63 -15.14
CA THR A 123 -14.37 -22.25 -15.16
C THR A 123 -15.16 -21.96 -13.88
N ILE A 124 -14.53 -22.12 -12.71
CA ILE A 124 -15.30 -21.96 -11.48
C ILE A 124 -15.61 -20.50 -11.14
N ARG A 125 -14.84 -19.54 -11.66
CA ARG A 125 -15.00 -18.13 -11.31
C ARG A 125 -16.21 -17.47 -11.97
N LEU A 126 -16.85 -18.11 -12.95
CA LEU A 126 -18.10 -17.61 -13.51
C LEU A 126 -19.15 -17.40 -12.42
N GLU A 127 -20.15 -16.57 -12.74
CA GLU A 127 -21.24 -16.27 -11.83
C GLU A 127 -22.08 -17.52 -11.55
N SER A 128 -22.68 -18.07 -12.61
CA SER A 128 -23.41 -19.32 -12.58
C SER A 128 -22.75 -20.38 -11.72
N GLU A 129 -21.49 -20.70 -12.02
CA GLU A 129 -20.82 -21.81 -11.35
C GLU A 129 -20.68 -21.58 -9.86
N VAL A 130 -20.36 -20.36 -9.45
CA VAL A 130 -20.26 -20.08 -8.03
C VAL A 130 -21.60 -20.26 -7.36
N ASN A 131 -22.67 -19.77 -8.00
CA ASN A 131 -23.98 -19.92 -7.38
C ASN A 131 -24.37 -21.37 -7.27
N ALA A 132 -24.10 -22.15 -8.32
CA ALA A 132 -24.31 -23.60 -8.29
C ALA A 132 -23.68 -24.18 -7.05
N ILE A 133 -22.40 -23.88 -6.82
CA ILE A 133 -21.70 -24.52 -5.71
C ILE A 133 -22.26 -24.03 -4.37
N LYS A 134 -22.52 -22.74 -4.26
CA LYS A 134 -23.14 -22.22 -3.04
C LYS A 134 -24.45 -22.96 -2.74
N GLY A 135 -25.27 -23.20 -3.77
CA GLY A 135 -26.52 -23.91 -3.56
C GLY A 135 -26.32 -25.39 -3.28
N ALA A 136 -25.33 -26.01 -3.92
CA ALA A 136 -25.01 -27.40 -3.63
C ALA A 136 -24.69 -27.58 -2.16
N LEU A 137 -24.18 -26.54 -1.51
CA LEU A 137 -23.78 -26.65 -0.11
C LEU A 137 -24.79 -25.99 0.85
N LYS A 138 -26.03 -25.80 0.43
CA LYS A 138 -27.05 -25.25 1.33
C LYS A 138 -27.41 -26.25 2.42
N THR A 139 -27.71 -27.49 2.02
CA THR A 139 -28.16 -28.51 2.97
C THR A 139 -27.02 -29.17 3.71
N THR A 140 -25.96 -29.58 3.01
CA THR A 140 -24.92 -30.37 3.64
C THR A 140 -23.60 -29.60 3.62
N ASN A 141 -22.62 -30.18 4.31
CA ASN A 141 -21.29 -29.61 4.45
C ASN A 141 -20.33 -30.00 3.34
N GLU A 142 -20.74 -30.82 2.39
CA GLU A 142 -19.79 -31.45 1.50
C GLU A 142 -20.56 -32.14 0.36
N ALA A 143 -20.18 -31.86 -0.88
CA ALA A 143 -21.02 -32.21 -2.03
C ALA A 143 -20.13 -32.50 -3.25
N VAL A 144 -20.65 -33.21 -4.24
CA VAL A 144 -19.95 -33.39 -5.51
C VAL A 144 -20.64 -32.52 -6.54
N SER A 145 -20.10 -31.34 -6.78
CA SER A 145 -20.71 -30.42 -7.71
C SER A 145 -20.20 -30.75 -9.11
N THR A 146 -21.08 -30.68 -10.09
CA THR A 146 -20.64 -30.76 -11.48
C THR A 146 -20.63 -29.38 -12.10
N LEU A 147 -19.64 -29.14 -12.96
CA LEU A 147 -19.42 -27.86 -13.58
C LEU A 147 -19.97 -27.90 -14.99
N GLY A 148 -20.19 -26.72 -15.55
CA GLY A 148 -20.85 -26.62 -16.84
C GLY A 148 -20.19 -27.38 -17.96
N ASN A 149 -18.88 -27.67 -17.85
CA ASN A 149 -18.20 -28.45 -18.88
C ASN A 149 -18.41 -29.96 -18.71
N GLY A 150 -18.63 -30.40 -17.48
CA GLY A 150 -18.90 -31.78 -17.19
C GLY A 150 -18.06 -32.32 -16.06
N VAL A 151 -17.02 -31.59 -15.68
CA VAL A 151 -16.08 -32.10 -14.67
C VAL A 151 -16.74 -32.10 -13.31
N ARG A 152 -16.39 -33.09 -12.50
CA ARG A 152 -16.94 -33.21 -11.14
C ARG A 152 -15.89 -32.76 -10.14
N VAL A 153 -16.26 -31.93 -9.18
CA VAL A 153 -15.35 -31.37 -8.23
C VAL A 153 -15.96 -31.59 -6.86
N LEU A 154 -15.13 -31.89 -5.88
CA LEU A 154 -15.61 -31.93 -4.52
C LEU A 154 -15.81 -30.49 -4.02
N ALA A 155 -16.78 -30.29 -3.14
CA ALA A 155 -17.10 -28.94 -2.68
C ALA A 155 -17.37 -28.99 -1.19
N THR A 156 -16.49 -28.37 -0.41
CA THR A 156 -16.53 -28.33 1.04
C THR A 156 -16.98 -26.97 1.50
N ALA A 157 -17.75 -26.95 2.58
CA ALA A 157 -18.07 -25.72 3.30
C ALA A 157 -17.33 -25.68 4.62
N VAL A 158 -16.60 -24.60 4.89
CA VAL A 158 -15.92 -24.42 6.17
C VAL A 158 -16.67 -23.33 6.92
N ARG A 159 -17.49 -23.73 7.89
CA ARG A 159 -18.45 -22.85 8.49
C ARG A 159 -18.17 -22.49 9.94
N GLU A 160 -17.06 -22.95 10.51
CA GLU A 160 -16.80 -22.75 11.94
C GLU A 160 -16.81 -21.27 12.33
N LEU A 161 -16.23 -20.38 11.49
CA LEU A 161 -16.17 -18.97 11.86
C LEU A 161 -17.53 -18.30 11.73
N LYS A 162 -18.24 -18.55 10.63
CA LYS A 162 -19.54 -17.94 10.48
C LYS A 162 -20.46 -18.38 11.60
N GLU A 163 -20.41 -19.67 11.95
CA GLU A 163 -21.22 -20.14 13.07
C GLU A 163 -20.83 -19.39 14.35
N PHE A 164 -19.53 -19.32 14.66
CA PHE A 164 -19.12 -18.63 15.90
C PHE A 164 -19.56 -17.17 15.86
N VAL A 165 -19.51 -16.55 14.69
CA VAL A 165 -19.75 -15.12 14.57
C VAL A 165 -21.23 -14.82 14.68
N SER A 166 -22.04 -15.69 14.08
CA SER A 166 -23.47 -15.47 13.97
C SER A 166 -24.19 -15.82 15.27
N LYS A 167 -23.82 -16.91 15.93
CA LYS A 167 -24.56 -17.26 17.12
C LYS A 167 -23.85 -16.93 18.45
N ASN A 168 -22.52 -16.96 18.51
CA ASN A 168 -21.83 -16.71 19.78
C ASN A 168 -21.39 -15.26 19.95
N LEU A 169 -20.76 -14.65 18.94
CA LEU A 169 -20.20 -13.31 19.09
C LEU A 169 -21.26 -12.22 18.95
N THR A 170 -22.20 -12.34 18.00
CA THR A 170 -23.14 -11.24 17.78
C THR A 170 -23.96 -10.93 19.02
N SER A 171 -24.31 -11.95 19.79
CA SER A 171 -25.11 -11.74 20.99
C SER A 171 -24.28 -11.28 22.17
N ALA A 172 -23.00 -11.72 22.27
CA ALA A 172 -22.14 -11.34 23.38
C ALA A 172 -21.70 -9.90 23.26
N ILE A 173 -21.63 -9.41 22.02
CA ILE A 173 -21.57 -7.98 21.77
C ILE A 173 -22.98 -7.45 21.98
N ASN A 174 -23.18 -6.80 23.13
CA ASN A 174 -24.46 -6.17 23.48
C ASN A 174 -24.38 -4.70 23.09
N LYS A 175 -24.92 -4.38 21.91
CA LYS A 175 -25.05 -3.01 21.42
C LYS A 175 -23.71 -2.26 21.49
N ASN A 176 -22.78 -2.75 20.69
CA ASN A 176 -21.54 -2.03 20.34
C ASN A 176 -20.56 -1.94 21.49
N LYS A 177 -20.48 -2.97 22.32
CA LYS A 177 -19.57 -2.98 23.46
C LYS A 177 -18.81 -4.30 23.48
N CYS A 178 -17.47 -4.21 23.35
CA CYS A 178 -16.61 -5.37 23.11
C CYS A 178 -15.59 -5.68 24.21
N ASP A 179 -15.38 -4.78 25.17
CA ASP A 179 -14.62 -5.13 26.37
C ASP A 179 -15.52 -5.99 27.26
N ILE A 180 -15.82 -7.17 26.78
CA ILE A 180 -16.75 -8.01 27.50
C ILE A 180 -16.02 -8.63 28.67
N ALA A 181 -16.73 -8.78 29.78
CA ALA A 181 -16.11 -9.41 30.92
C ALA A 181 -15.83 -10.89 30.70
N ASP A 182 -16.45 -11.51 29.69
CA ASP A 182 -16.28 -12.94 29.38
C ASP A 182 -15.01 -13.17 28.56
N LEU A 183 -13.89 -13.40 29.25
CA LEU A 183 -12.61 -13.56 28.56
C LEU A 183 -12.61 -14.80 27.68
N LYS A 184 -13.23 -15.87 28.14
CA LYS A 184 -13.22 -17.10 27.35
C LYS A 184 -13.82 -16.86 25.96
N MET A 185 -14.83 -15.99 25.87
CA MET A 185 -15.42 -15.64 24.58
C MET A 185 -14.42 -14.94 23.68
N ALA A 186 -13.84 -13.84 24.19
CA ALA A 186 -12.81 -13.10 23.47
C ALA A 186 -11.74 -14.03 22.92
N VAL A 187 -11.10 -14.79 23.80
CA VAL A 187 -10.02 -15.68 23.37
C VAL A 187 -10.54 -16.67 22.32
N SER A 188 -11.80 -17.08 22.42
CA SER A 188 -12.35 -17.96 21.39
C SER A 188 -12.45 -17.26 20.05
N PHE A 189 -12.91 -16.01 20.02
CA PHE A 189 -12.89 -15.30 18.75
C PHE A 189 -11.48 -15.34 18.19
N SER A 190 -10.51 -15.03 19.04
CA SER A 190 -9.12 -15.01 18.60
C SER A 190 -8.65 -16.35 18.03
N GLN A 191 -9.24 -17.44 18.48
CA GLN A 191 -8.75 -18.75 17.99
C GLN A 191 -9.63 -19.27 16.87
N PHE A 192 -10.78 -18.67 16.66
CA PHE A 192 -11.72 -19.13 15.62
C PHE A 192 -11.49 -18.48 14.26
N ASN A 193 -10.92 -17.27 14.21
CA ASN A 193 -10.62 -16.70 12.91
C ASN A 193 -9.19 -17.00 12.47
N ARG A 194 -8.46 -17.85 13.19
CA ARG A 194 -7.08 -18.13 12.81
C ARG A 194 -7.00 -18.74 11.41
N ARG A 195 -7.93 -19.65 11.08
CA ARG A 195 -7.85 -20.30 9.77
C ARG A 195 -8.06 -19.28 8.66
N PHE A 196 -9.10 -18.46 8.79
CA PHE A 196 -9.40 -17.46 7.78
C PHE A 196 -8.20 -16.55 7.55
N LEU A 197 -7.65 -15.96 8.62
CA LEU A 197 -6.58 -14.99 8.42
C LEU A 197 -5.34 -15.65 7.85
N ASN A 198 -5.10 -16.91 8.21
CA ASN A 198 -3.94 -17.58 7.63
C ASN A 198 -4.15 -17.86 6.15
N VAL A 199 -5.37 -18.24 5.76
CA VAL A 199 -5.68 -18.39 4.34
C VAL A 199 -5.44 -17.08 3.61
N VAL A 200 -5.93 -15.98 4.21
CA VAL A 200 -5.81 -14.70 3.54
C VAL A 200 -4.36 -14.32 3.43
N ARG A 201 -3.55 -14.68 4.43
CA ARG A 201 -2.14 -14.40 4.32
C ARG A 201 -1.52 -15.20 3.20
N GLN A 202 -1.76 -16.50 3.16
CA GLN A 202 -1.06 -17.32 2.17
C GLN A 202 -1.41 -16.91 0.74
N PHE A 203 -2.69 -16.62 0.46
CA PHE A 203 -3.06 -16.21 -0.89
C PHE A 203 -2.55 -14.81 -1.19
N SER A 204 -2.70 -13.86 -0.25
CA SER A 204 -2.32 -12.49 -0.56
C SER A 204 -0.84 -12.37 -0.80
N ASP A 205 -0.04 -13.18 -0.12
CA ASP A 205 1.42 -13.16 -0.27
C ASP A 205 1.89 -13.90 -1.51
N ASN A 206 0.98 -14.41 -2.36
CA ASN A 206 1.40 -15.13 -3.56
C ASN A 206 0.56 -14.80 -4.78
N ALA A 207 -0.14 -13.66 -4.78
CA ALA A 207 -1.00 -13.26 -5.88
C ALA A 207 -2.02 -14.37 -6.19
N GLY A 208 -2.53 -14.97 -5.13
CA GLY A 208 -3.66 -15.86 -5.29
C GLY A 208 -3.32 -17.23 -5.83
N ILE A 209 -2.05 -17.61 -5.87
CA ILE A 209 -1.69 -18.98 -6.22
C ILE A 209 -0.58 -19.46 -5.31
N THR A 210 -0.95 -20.23 -4.27
CA THR A 210 0.04 -20.70 -3.31
C THR A 210 0.92 -21.77 -3.97
N PRO A 211 2.13 -21.91 -3.53
CA PRO A 211 3.02 -22.94 -4.09
C PRO A 211 2.79 -24.34 -3.58
N ALA A 212 2.32 -24.50 -2.33
CA ALA A 212 1.78 -25.78 -1.85
C ALA A 212 0.60 -25.54 -0.88
N ILE A 213 0.15 -26.63 -0.25
CA ILE A 213 -1.16 -26.73 0.38
C ILE A 213 -1.00 -26.69 1.90
N SER A 214 -1.14 -25.52 2.52
CA SER A 214 -0.99 -25.47 3.97
C SER A 214 -2.12 -26.20 4.64
N LEU A 215 -1.99 -26.37 5.95
CA LEU A 215 -3.12 -27.01 6.61
C LEU A 215 -4.26 -26.04 6.82
N ASP A 216 -4.01 -24.75 6.61
CA ASP A 216 -5.09 -23.77 6.60
C ASP A 216 -5.89 -23.85 5.31
N LEU A 217 -5.26 -24.22 4.20
CA LEU A 217 -6.02 -24.41 2.96
C LEU A 217 -6.88 -25.66 3.02
N MET A 218 -6.30 -26.77 3.48
CA MET A 218 -6.98 -28.06 3.53
C MET A 218 -6.42 -28.80 4.73
N THR A 219 -7.23 -28.96 5.78
CA THR A 219 -6.83 -29.72 6.96
C THR A 219 -6.55 -31.18 6.59
N ASP A 220 -6.07 -31.95 7.57
CA ASP A 220 -5.76 -33.33 7.22
C ASP A 220 -7.01 -34.19 7.12
N ALA A 221 -7.98 -33.90 7.98
CA ALA A 221 -9.30 -34.47 7.81
C ALA A 221 -9.78 -34.32 6.36
N GLU A 222 -9.79 -33.08 5.86
CA GLU A 222 -10.38 -32.81 4.56
C GLU A 222 -9.59 -33.46 3.45
N LEU A 223 -8.26 -33.49 3.58
CA LEU A 223 -7.43 -34.19 2.61
C LEU A 223 -7.79 -35.66 2.54
N ALA A 224 -7.89 -36.31 3.71
CA ALA A 224 -8.18 -37.74 3.68
C ALA A 224 -9.56 -37.99 3.09
N ARG A 225 -10.54 -37.16 3.47
CA ARG A 225 -11.89 -37.28 2.93
C ARG A 225 -11.88 -37.15 1.42
N ALA A 226 -11.07 -36.23 0.89
CA ALA A 226 -11.08 -35.99 -0.54
C ALA A 226 -10.34 -37.08 -1.30
N VAL A 227 -9.25 -37.60 -0.74
CA VAL A 227 -8.57 -38.74 -1.37
C VAL A 227 -9.54 -39.91 -1.49
N SER A 228 -10.35 -40.16 -0.44
CA SER A 228 -11.26 -41.31 -0.47
C SER A 228 -12.34 -41.20 -1.54
N TYR A 229 -12.69 -39.99 -1.99
CA TYR A 229 -13.70 -39.81 -3.03
C TYR A 229 -13.13 -39.75 -4.43
N MET A 230 -11.85 -40.03 -4.61
CA MET A 230 -11.23 -39.83 -5.91
C MET A 230 -11.69 -40.92 -6.88
N PRO A 231 -11.70 -40.63 -8.19
CA PRO A 231 -12.05 -41.66 -9.17
C PRO A 231 -10.94 -42.67 -9.43
N THR A 232 -10.63 -43.51 -8.46
CA THR A 232 -9.75 -44.64 -8.69
C THR A 232 -10.20 -45.79 -7.78
N SER A 233 -9.51 -46.94 -7.88
CA SER A 233 -9.91 -48.15 -7.18
C SER A 233 -9.36 -48.12 -5.75
N ALA A 234 -9.86 -49.05 -4.92
CA ALA A 234 -9.60 -48.98 -3.49
C ALA A 234 -8.13 -49.17 -3.13
N GLY A 235 -7.33 -49.78 -3.99
CA GLY A 235 -5.93 -50.02 -3.64
C GLY A 235 -5.06 -48.79 -3.75
N GLN A 236 -5.23 -48.03 -4.87
CA GLN A 236 -4.56 -46.74 -5.01
C GLN A 236 -5.01 -45.74 -3.93
N ILE A 237 -6.31 -45.72 -3.63
CA ILE A 237 -6.80 -44.93 -2.50
C ILE A 237 -6.12 -45.33 -1.20
N LYS A 238 -5.93 -46.64 -0.97
CA LYS A 238 -5.24 -47.08 0.24
C LYS A 238 -3.81 -46.56 0.28
N LEU A 239 -3.09 -46.67 -0.84
CA LEU A 239 -1.70 -46.20 -0.88
C LEU A 239 -1.62 -44.70 -0.63
N MET A 240 -2.48 -43.93 -1.30
CA MET A 240 -2.53 -42.50 -1.07
C MET A 240 -2.79 -42.18 0.40
N LEU A 241 -3.74 -42.88 1.04
CA LEU A 241 -4.01 -42.56 2.43
C LEU A 241 -2.87 -42.96 3.33
N GLU A 242 -2.02 -43.88 2.88
CA GLU A 242 -0.83 -44.17 3.68
C GLU A 242 0.26 -43.14 3.46
N ASN A 243 0.25 -42.42 2.33
CA ASN A 243 1.25 -41.37 2.07
C ASN A 243 0.60 -39.99 1.85
N ARG A 244 -0.37 -39.65 2.69
CA ARG A 244 -0.94 -38.31 2.68
C ARG A 244 0.06 -37.16 2.48
N ALA A 245 1.17 -37.13 3.22
CA ALA A 245 2.10 -36.00 3.14
C ALA A 245 2.68 -35.84 1.74
N MET A 246 2.97 -36.96 1.09
CA MET A 246 3.41 -36.98 -0.30
C MET A 246 2.29 -36.56 -1.23
N VAL A 247 1.03 -36.88 -0.89
CA VAL A 247 -0.09 -36.39 -1.71
C VAL A 247 -0.10 -34.86 -1.67
N ARG A 248 -0.01 -34.31 -0.48
CA ARG A 248 -0.07 -32.86 -0.29
C ARG A 248 1.11 -32.15 -0.93
N ARG A 249 2.32 -32.74 -0.85
CA ARG A 249 3.52 -32.08 -1.40
C ARG A 249 3.32 -31.72 -2.87
N LYS A 250 2.55 -32.53 -3.60
CA LYS A 250 2.53 -32.42 -5.05
C LYS A 250 1.43 -31.50 -5.56
N GLY A 251 0.56 -30.98 -4.69
CA GLY A 251 -0.55 -30.13 -5.08
C GLY A 251 -0.32 -28.63 -4.85
N PHE A 252 -1.41 -27.87 -4.84
CA PHE A 252 -1.37 -26.40 -4.69
C PHE A 252 -2.78 -25.82 -4.68
N GLY A 253 -2.86 -24.52 -4.42
CA GLY A 253 -4.14 -23.84 -4.31
C GLY A 253 -4.23 -22.63 -5.20
N ILE A 254 -5.46 -22.29 -5.59
CA ILE A 254 -5.75 -21.09 -6.38
C ILE A 254 -6.94 -20.35 -5.77
N LEU A 255 -6.76 -19.05 -5.54
CA LEU A 255 -7.86 -18.24 -5.04
C LEU A 255 -8.88 -18.09 -6.15
N ILE A 256 -10.15 -18.18 -5.79
CA ILE A 256 -11.23 -18.02 -6.74
C ILE A 256 -11.75 -16.62 -6.62
N GLY A 257 -12.16 -16.24 -5.41
CA GLY A 257 -12.70 -14.92 -5.23
C GLY A 257 -13.34 -14.75 -3.89
N VAL A 258 -13.81 -13.53 -3.64
CA VAL A 258 -14.53 -13.18 -2.43
C VAL A 258 -15.94 -12.83 -2.85
N TYR A 259 -16.90 -13.53 -2.27
CA TYR A 259 -18.31 -13.43 -2.60
C TYR A 259 -19.08 -13.17 -1.31
N GLY A 260 -19.29 -11.90 -1.01
CA GLY A 260 -20.05 -11.58 0.17
C GLY A 260 -19.17 -11.70 1.39
N SER A 261 -19.59 -12.51 2.36
CA SER A 261 -18.67 -12.68 3.46
C SER A 261 -18.20 -14.12 3.43
N SER A 262 -17.82 -14.57 2.24
CA SER A 262 -17.24 -15.89 2.10
C SER A 262 -16.12 -15.85 1.08
N VAL A 263 -15.18 -16.80 1.21
CA VAL A 263 -13.99 -16.88 0.38
C VAL A 263 -14.08 -18.19 -0.36
N ILE A 264 -14.01 -18.14 -1.69
CA ILE A 264 -13.95 -19.36 -2.47
C ILE A 264 -12.54 -19.55 -2.99
N TYR A 265 -11.99 -20.74 -2.76
CA TYR A 265 -10.70 -21.12 -3.30
C TYR A 265 -10.73 -22.59 -3.74
N MET A 266 -9.75 -23.00 -4.52
CA MET A 266 -9.66 -24.40 -4.90
C MET A 266 -8.33 -24.98 -4.46
N VAL A 267 -8.27 -26.31 -4.38
CA VAL A 267 -7.05 -27.04 -4.10
C VAL A 267 -6.98 -28.19 -5.09
N GLN A 268 -5.85 -28.35 -5.74
CA GLN A 268 -5.59 -29.44 -6.67
C GLN A 268 -4.79 -30.50 -5.92
N LEU A 269 -5.41 -31.70 -5.73
CA LEU A 269 -4.68 -32.86 -5.19
C LEU A 269 -4.21 -33.74 -6.34
N PRO A 270 -3.06 -34.38 -6.23
CA PRO A 270 -2.67 -35.34 -7.27
C PRO A 270 -3.41 -36.66 -7.12
N ILE A 271 -3.69 -37.28 -8.27
CA ILE A 271 -4.37 -38.57 -8.37
C ILE A 271 -3.32 -39.62 -8.73
N PHE A 272 -3.09 -40.56 -7.86
CA PHE A 272 -2.21 -41.66 -8.19
C PHE A 272 -3.06 -42.82 -8.67
N GLY A 273 -3.46 -42.73 -9.94
CA GLY A 273 -4.41 -43.65 -10.55
C GLY A 273 -3.84 -45.00 -10.92
N VAL A 274 -2.53 -45.18 -10.77
CA VAL A 274 -1.80 -46.38 -11.17
C VAL A 274 -0.69 -46.63 -10.16
N ILE A 275 -0.64 -47.82 -9.60
CA ILE A 275 0.40 -48.15 -8.63
C ILE A 275 0.99 -49.52 -8.94
N ASP A 276 2.14 -49.77 -8.31
CA ASP A 276 2.81 -51.07 -8.22
C ASP A 276 3.14 -51.64 -9.61
N THR A 277 4.03 -50.95 -10.29
CA THR A 277 4.82 -51.43 -11.40
C THR A 277 6.28 -51.30 -10.98
N PRO A 278 7.21 -52.03 -11.60
CA PRO A 278 8.58 -52.04 -11.04
C PRO A 278 9.51 -51.00 -11.65
N CYS A 279 10.39 -50.46 -10.80
CA CYS A 279 11.21 -49.31 -11.16
C CYS A 279 12.62 -49.49 -10.64
N TRP A 280 13.55 -48.86 -11.34
CA TRP A 280 14.97 -48.91 -10.99
C TRP A 280 15.61 -47.57 -11.30
N ILE A 281 16.66 -47.27 -10.57
CA ILE A 281 17.35 -46.01 -10.74
C ILE A 281 18.76 -46.31 -11.18
N ILE A 282 19.25 -45.49 -12.11
CA ILE A 282 20.61 -45.60 -12.64
C ILE A 282 21.38 -44.33 -12.30
N LYS A 283 22.45 -44.47 -11.51
CA LYS A 283 23.37 -43.37 -11.22
C LYS A 283 24.71 -43.66 -11.90
N ALA A 284 25.47 -42.60 -12.22
CA ALA A 284 26.76 -42.82 -12.87
C ALA A 284 27.71 -41.64 -12.70
N ALA A 285 28.97 -41.90 -13.08
CA ALA A 285 30.08 -40.96 -13.05
C ALA A 285 31.01 -41.29 -14.21
N PRO A 286 32.03 -40.46 -14.45
CA PRO A 286 32.95 -40.73 -15.57
C PRO A 286 33.96 -41.85 -15.31
N SER A 287 34.24 -42.62 -16.39
CA SER A 287 35.12 -43.79 -16.37
C SER A 287 36.30 -43.61 -17.34
N CYS A 288 37.34 -42.93 -16.87
CA CYS A 288 38.49 -42.56 -17.68
C CYS A 288 39.70 -43.43 -17.39
N SER A 289 40.42 -43.85 -18.43
CA SER A 289 41.73 -44.46 -18.27
C SER A 289 42.80 -43.43 -18.60
N GLU A 290 43.92 -43.48 -17.90
CA GLU A 290 44.96 -42.46 -17.99
C GLU A 290 46.19 -43.01 -18.71
N LYS A 291 46.73 -42.20 -19.64
CA LYS A 291 47.78 -42.59 -20.59
C LYS A 291 48.92 -41.57 -20.58
N ASP A 292 49.38 -41.23 -19.37
CA ASP A 292 50.51 -40.32 -19.16
C ASP A 292 50.26 -38.95 -19.79
N GLY A 293 49.29 -38.27 -19.19
CA GLY A 293 48.91 -36.95 -19.62
C GLY A 293 47.53 -36.93 -20.23
N ASN A 294 47.21 -37.94 -21.03
CA ASN A 294 45.97 -37.99 -21.79
C ASN A 294 44.91 -38.83 -21.07
N TYR A 295 43.68 -38.31 -21.03
CA TYR A 295 42.56 -38.96 -20.38
C TYR A 295 41.62 -39.53 -21.43
N ALA A 296 41.33 -40.83 -21.35
CA ALA A 296 40.42 -41.53 -22.28
C ALA A 296 39.13 -41.87 -21.55
N CYS A 297 38.15 -40.96 -21.64
CA CYS A 297 36.99 -40.97 -20.75
C CYS A 297 35.79 -41.67 -21.37
N LEU A 298 34.86 -42.01 -20.50
CA LEU A 298 33.58 -42.66 -20.81
C LEU A 298 32.56 -42.18 -19.78
N LEU A 299 31.31 -41.98 -20.21
CA LEU A 299 30.29 -41.50 -19.29
C LEU A 299 28.90 -41.85 -19.80
N ARG A 300 28.08 -42.48 -18.97
CA ARG A 300 26.71 -42.79 -19.35
C ARG A 300 25.85 -41.54 -19.32
N GLU A 301 24.85 -41.48 -20.21
CA GLU A 301 23.96 -40.34 -20.35
C GLU A 301 22.51 -40.78 -20.27
N ASP A 302 22.22 -41.77 -19.43
CA ASP A 302 20.88 -42.31 -19.26
C ASP A 302 20.52 -42.42 -17.79
N GLN A 303 21.15 -41.62 -16.93
CA GLN A 303 20.87 -41.65 -15.50
C GLN A 303 19.43 -41.21 -15.23
N GLY A 304 18.83 -41.80 -14.20
CA GLY A 304 17.49 -41.41 -13.82
C GLY A 304 16.65 -42.61 -13.40
N TRP A 305 15.34 -42.40 -13.35
CA TRP A 305 14.39 -43.41 -12.90
C TRP A 305 13.71 -44.08 -14.07
N TYR A 306 13.49 -45.39 -13.97
CA TYR A 306 12.80 -46.14 -15.02
C TYR A 306 11.74 -47.03 -14.40
N CYS A 307 10.59 -47.15 -15.07
CA CYS A 307 9.57 -48.10 -14.66
C CYS A 307 9.04 -48.85 -15.87
N LYS A 308 8.97 -50.18 -15.74
CA LYS A 308 8.31 -51.03 -16.74
C LYS A 308 6.85 -51.17 -16.31
N ASN A 309 6.07 -50.19 -16.70
CA ASN A 309 4.62 -50.25 -16.54
C ASN A 309 4.03 -50.70 -17.89
N ALA A 310 2.71 -50.68 -18.00
CA ALA A 310 2.06 -51.29 -19.16
C ALA A 310 1.98 -50.30 -20.31
N GLY A 311 2.40 -50.74 -21.50
CA GLY A 311 2.45 -49.93 -22.71
C GLY A 311 3.85 -49.70 -23.24
N SER A 312 4.78 -49.40 -22.33
CA SER A 312 6.15 -49.02 -22.66
C SER A 312 7.02 -49.27 -21.44
N THR A 313 8.30 -48.99 -21.60
CA THR A 313 9.17 -48.68 -20.48
C THR A 313 9.33 -47.18 -20.47
N VAL A 314 9.26 -46.58 -19.27
CA VAL A 314 9.21 -45.14 -19.12
C VAL A 314 10.42 -44.65 -18.34
N TYR A 315 10.92 -43.50 -18.74
CA TYR A 315 12.15 -42.91 -18.24
C TYR A 315 11.81 -41.52 -17.71
N TYR A 316 12.20 -41.26 -16.48
CA TYR A 316 12.01 -39.99 -15.82
C TYR A 316 13.40 -39.41 -15.54
N PRO A 317 13.80 -38.38 -16.27
CA PRO A 317 15.22 -38.03 -16.34
C PRO A 317 15.71 -37.08 -15.25
N ASN A 318 14.79 -36.31 -14.67
CA ASN A 318 15.17 -35.27 -13.72
C ASN A 318 14.90 -35.71 -12.29
N GLU A 319 15.78 -35.25 -11.40
CA GLU A 319 15.67 -35.59 -9.99
C GLU A 319 14.35 -35.10 -9.40
N LYS A 320 13.96 -33.87 -9.72
CA LYS A 320 12.68 -33.36 -9.28
C LYS A 320 11.52 -34.27 -9.68
N ASP A 321 11.71 -35.09 -10.73
CA ASP A 321 10.59 -35.83 -11.31
C ASP A 321 10.06 -36.93 -10.40
N CYS A 322 10.95 -37.77 -9.88
CA CYS A 322 10.58 -38.91 -9.06
C CYS A 322 11.07 -38.71 -7.64
N GLU A 323 10.26 -39.10 -6.67
CA GLU A 323 10.60 -38.99 -5.26
C GLU A 323 10.33 -40.34 -4.58
N THR A 324 11.26 -40.80 -3.74
CA THR A 324 11.08 -42.08 -3.06
C THR A 324 10.57 -41.86 -1.64
N ARG A 325 9.64 -42.73 -1.22
CA ARG A 325 9.37 -42.96 0.20
C ARG A 325 9.51 -44.45 0.46
N GLY A 326 10.47 -44.81 1.31
CA GLY A 326 10.74 -46.21 1.56
C GLY A 326 11.06 -46.96 0.29
N ASP A 327 10.10 -47.77 -0.15
CA ASP A 327 10.23 -48.66 -1.30
C ASP A 327 9.34 -48.24 -2.47
N HIS A 328 8.54 -47.20 -2.31
CA HIS A 328 7.72 -46.71 -3.41
C HIS A 328 8.38 -45.46 -4.01
N VAL A 329 8.28 -45.33 -5.33
CA VAL A 329 8.80 -44.19 -6.07
C VAL A 329 7.62 -43.50 -6.74
N PHE A 330 7.43 -42.22 -6.41
CA PHE A 330 6.31 -41.42 -6.88
C PHE A 330 6.80 -40.56 -8.04
N CYS A 331 6.29 -40.83 -9.25
CA CYS A 331 6.73 -40.11 -10.45
C CYS A 331 5.56 -39.40 -11.13
N ASP A 332 5.85 -38.19 -11.63
CA ASP A 332 4.89 -37.40 -12.41
C ASP A 332 4.90 -37.95 -13.83
N THR A 333 3.81 -38.58 -14.24
CA THR A 333 3.78 -39.18 -15.57
C THR A 333 3.95 -38.16 -16.68
N ALA A 334 3.62 -36.88 -16.42
CA ALA A 334 3.84 -35.84 -17.42
C ALA A 334 5.30 -35.69 -17.79
N ALA A 335 6.21 -36.11 -16.91
CA ALA A 335 7.65 -36.03 -17.15
C ALA A 335 8.23 -37.27 -17.82
N GLY A 336 7.39 -38.15 -18.36
CA GLY A 336 7.87 -39.44 -18.83
C GLY A 336 8.22 -39.44 -20.31
N ILE A 337 9.34 -40.09 -20.62
CA ILE A 337 9.79 -40.40 -21.97
C ILE A 337 9.67 -41.91 -22.15
N ASN A 338 9.20 -42.37 -23.30
CA ASN A 338 9.12 -43.81 -23.54
C ASN A 338 10.42 -44.29 -24.21
N VAL A 339 11.01 -45.36 -23.68
CA VAL A 339 12.24 -45.92 -24.25
C VAL A 339 12.12 -47.44 -24.38
N ALA A 340 13.11 -48.02 -25.07
CA ALA A 340 13.09 -49.43 -25.43
C ALA A 340 13.69 -50.28 -24.32
N GLU A 341 13.68 -51.60 -24.52
CA GLU A 341 14.31 -52.53 -23.58
C GLU A 341 15.81 -52.31 -23.51
N GLN A 342 16.36 -52.41 -22.31
CA GLN A 342 17.75 -52.03 -22.08
C GLN A 342 18.32 -52.86 -20.92
N SER A 343 19.36 -52.32 -20.27
CA SER A 343 20.15 -52.93 -19.21
C SER A 343 21.10 -54.02 -19.73
N ARG A 344 21.98 -53.65 -20.68
CA ARG A 344 23.18 -54.38 -21.09
C ARG A 344 24.42 -53.52 -20.74
N GLU A 345 25.61 -53.96 -21.19
CA GLU A 345 26.89 -53.34 -20.80
C GLU A 345 27.44 -52.38 -21.86
N CYS A 346 27.63 -52.87 -23.08
CA CYS A 346 28.13 -52.08 -24.22
C CYS A 346 29.59 -51.65 -24.03
N ASN A 354 26.42 -56.63 -30.09
CA ASN A 354 26.43 -55.51 -29.17
C ASN A 354 25.41 -54.43 -29.63
N TYR A 355 24.64 -53.84 -28.65
CA TYR A 355 23.59 -52.83 -28.83
C TYR A 355 24.14 -51.42 -28.60
N PRO A 356 23.41 -50.36 -29.06
CA PRO A 356 23.94 -48.95 -28.99
C PRO A 356 23.57 -48.17 -27.72
N CYS A 357 24.23 -48.49 -26.60
CA CYS A 357 23.93 -47.85 -25.33
C CYS A 357 24.27 -46.37 -25.34
N LYS A 358 23.59 -45.62 -24.47
CA LYS A 358 23.81 -44.19 -24.33
C LYS A 358 25.04 -43.94 -23.44
N VAL A 359 26.15 -43.50 -24.03
CA VAL A 359 27.39 -43.28 -23.30
C VAL A 359 28.19 -42.21 -24.06
N SER A 360 29.15 -41.58 -23.37
CA SER A 360 30.01 -40.53 -23.92
C SER A 360 31.45 -41.00 -24.08
N THR A 361 32.19 -40.27 -24.92
CA THR A 361 33.58 -40.61 -25.25
C THR A 361 34.43 -39.35 -25.38
N GLY A 362 34.30 -38.43 -24.44
CA GLY A 362 35.20 -37.28 -24.40
C GLY A 362 36.63 -37.69 -24.03
N ARG A 363 37.54 -36.74 -24.23
CA ARG A 363 38.89 -36.84 -23.68
C ARG A 363 39.04 -35.99 -22.43
N HIS A 364 37.93 -35.55 -21.85
CA HIS A 364 37.94 -34.58 -20.78
C HIS A 364 37.34 -35.19 -19.52
N PRO A 365 38.03 -35.08 -18.38
CA PRO A 365 37.53 -35.70 -17.16
C PRO A 365 36.60 -34.76 -16.39
N ILE A 366 35.81 -35.37 -15.51
CA ILE A 366 34.94 -34.66 -14.58
C ILE A 366 35.04 -35.48 -13.31
N SER A 367 35.74 -34.97 -12.29
CA SER A 367 35.77 -35.65 -11.00
C SER A 367 34.58 -35.20 -10.17
N MET A 368 33.93 -36.14 -9.47
CA MET A 368 32.67 -35.85 -8.79
C MET A 368 32.24 -37.04 -7.95
N VAL A 369 31.18 -36.84 -7.14
CA VAL A 369 30.55 -37.89 -6.34
C VAL A 369 29.09 -38.04 -6.79
N ALA A 370 28.63 -39.28 -6.93
CA ALA A 370 27.26 -39.58 -7.35
C ALA A 370 26.65 -40.54 -6.36
N LEU A 371 25.66 -40.07 -5.59
CA LEU A 371 25.12 -40.86 -4.49
C LEU A 371 23.97 -41.70 -5.01
N SER A 372 24.13 -42.99 -4.90
CA SER A 372 23.14 -44.01 -5.20
C SER A 372 22.34 -44.32 -3.95
N PRO A 373 21.13 -44.88 -4.10
CA PRO A 373 20.30 -45.17 -2.92
C PRO A 373 21.02 -45.91 -1.81
N LEU A 374 21.95 -46.80 -2.17
CA LEU A 374 22.69 -47.62 -1.22
C LEU A 374 24.20 -47.35 -1.28
N GLY A 375 24.60 -46.11 -1.54
CA GLY A 375 26.03 -45.86 -1.46
C GLY A 375 26.44 -44.69 -2.34
N ALA A 376 27.67 -44.74 -2.84
CA ALA A 376 28.30 -43.63 -3.51
C ALA A 376 29.21 -44.13 -4.61
N LEU A 377 29.34 -43.33 -5.68
CA LEU A 377 30.33 -43.53 -6.73
C LEU A 377 31.26 -42.32 -6.75
N VAL A 378 32.54 -42.53 -6.45
CA VAL A 378 33.53 -41.46 -6.37
C VAL A 378 34.41 -41.53 -7.62
N ALA A 379 34.52 -40.41 -8.32
CA ALA A 379 35.25 -40.29 -9.57
C ALA A 379 36.39 -39.30 -9.34
N CYS A 380 37.60 -39.81 -9.18
CA CYS A 380 38.75 -39.03 -8.75
C CYS A 380 39.75 -38.96 -9.91
N TYR A 381 40.07 -37.74 -10.35
CA TYR A 381 41.07 -37.54 -11.40
C TYR A 381 41.79 -36.22 -11.19
N LYS A 382 42.71 -35.92 -12.10
CA LYS A 382 43.23 -34.58 -12.40
C LYS A 382 43.61 -33.79 -11.14
N GLY A 383 44.66 -34.29 -10.46
CA GLY A 383 45.27 -33.61 -9.33
C GLY A 383 44.29 -33.16 -8.27
N VAL A 384 43.69 -34.11 -7.55
CA VAL A 384 42.77 -33.79 -6.47
C VAL A 384 42.77 -34.94 -5.47
N SER A 385 42.31 -34.65 -4.26
CA SER A 385 42.47 -35.53 -3.11
C SER A 385 41.10 -36.04 -2.66
N CYS A 386 40.89 -37.37 -2.72
CA CYS A 386 39.58 -37.99 -2.51
C CYS A 386 39.65 -39.09 -1.45
N SER A 387 38.64 -39.12 -0.56
CA SER A 387 38.75 -39.89 0.69
C SER A 387 37.38 -40.34 1.19
N ILE A 388 37.43 -41.40 2.01
CA ILE A 388 36.30 -41.90 2.79
C ILE A 388 36.36 -41.29 4.20
N GLY A 389 35.22 -41.25 4.90
CA GLY A 389 35.15 -40.72 6.26
C GLY A 389 34.07 -41.34 7.14
N SER A 390 34.34 -41.54 8.42
CA SER A 390 33.35 -42.07 9.36
C SER A 390 33.01 -41.03 10.41
N ASN A 391 31.77 -41.06 10.89
CA ASN A 391 31.33 -40.06 11.87
C ASN A 391 31.86 -40.34 13.27
N ARG A 392 32.38 -41.54 13.50
CA ARG A 392 32.99 -41.91 14.80
C ARG A 392 34.50 -41.80 14.61
N VAL A 393 35.07 -42.74 13.86
CA VAL A 393 36.48 -42.74 13.49
C VAL A 393 36.69 -41.69 12.40
N GLY A 394 37.71 -40.88 12.53
CA GLY A 394 37.81 -39.74 11.61
C GLY A 394 37.95 -40.02 10.12
N ILE A 395 39.12 -40.48 9.68
CA ILE A 395 39.44 -40.55 8.25
C ILE A 395 39.76 -42.00 7.94
N ILE A 396 38.76 -42.74 7.48
CA ILE A 396 38.87 -44.17 7.20
C ILE A 396 39.24 -44.35 5.73
N LYS A 397 40.53 -44.62 5.42
CA LYS A 397 40.91 -44.93 4.03
C LYS A 397 40.87 -43.86 2.92
N GLN A 398 42.03 -43.37 2.49
CA GLN A 398 42.13 -42.40 1.36
C GLN A 398 41.78 -43.11 0.06
N LEU A 399 41.26 -42.40 -0.94
CA LEU A 399 40.80 -43.07 -2.19
C LEU A 399 41.76 -42.83 -3.35
N PRO A 400 41.86 -43.78 -4.30
CA PRO A 400 42.79 -43.67 -5.42
C PRO A 400 42.14 -43.05 -6.65
N LYS A 401 42.91 -42.32 -7.44
CA LYS A 401 42.37 -41.65 -8.64
C LYS A 401 41.74 -42.71 -9.54
N GLY A 402 40.48 -42.54 -9.97
CA GLY A 402 39.92 -43.50 -10.96
C GLY A 402 38.61 -44.20 -10.67
N CYS A 403 37.60 -43.51 -10.15
CA CYS A 403 36.21 -44.04 -9.95
C CYS A 403 36.11 -45.26 -9.04
N SER A 404 35.91 -45.04 -7.74
CA SER A 404 35.72 -46.15 -6.78
C SER A 404 34.26 -46.14 -6.32
N TYR A 405 33.76 -47.27 -5.83
CA TYR A 405 32.37 -47.35 -5.39
C TYR A 405 32.34 -47.73 -3.91
N ILE A 406 31.63 -46.96 -3.11
CA ILE A 406 31.59 -47.11 -1.66
C ILE A 406 30.17 -47.52 -1.24
N THR A 407 30.00 -48.74 -0.70
CA THR A 407 28.73 -49.12 -0.08
C THR A 407 28.54 -48.32 1.21
N ASN A 408 27.28 -47.99 1.51
CA ASN A 408 27.00 -47.07 2.63
C ASN A 408 27.26 -47.69 3.99
N GLN A 409 27.40 -49.01 4.06
CA GLN A 409 27.84 -49.66 5.29
C GLN A 409 29.34 -49.54 5.53
N ASP A 410 30.10 -49.00 4.56
CA ASP A 410 31.54 -48.83 4.64
C ASP A 410 31.97 -47.41 5.04
N ALA A 411 31.05 -46.44 4.98
CA ALA A 411 31.40 -45.06 5.30
C ALA A 411 30.15 -44.27 5.64
N ASP A 412 30.38 -43.12 6.28
CA ASP A 412 29.36 -42.10 6.48
C ASP A 412 29.58 -40.88 5.62
N THR A 413 30.75 -40.76 5.01
CA THR A 413 31.24 -39.54 4.41
C THR A 413 32.15 -39.94 3.25
N VAL A 414 32.13 -39.17 2.18
CA VAL A 414 33.20 -39.20 1.19
C VAL A 414 33.46 -37.77 0.78
N THR A 415 34.73 -37.35 0.84
CA THR A 415 35.06 -35.99 0.46
C THR A 415 35.97 -35.99 -0.76
N ILE A 416 35.89 -34.90 -1.53
CA ILE A 416 36.78 -34.62 -2.65
C ILE A 416 37.26 -33.20 -2.41
N ASP A 417 38.45 -33.05 -1.84
CA ASP A 417 39.09 -31.75 -1.73
C ASP A 417 38.22 -30.78 -0.91
N ASN A 418 37.96 -31.17 0.33
CA ASN A 418 37.24 -30.32 1.30
C ASN A 418 35.84 -29.92 0.81
N THR A 419 35.20 -30.76 -0.02
CA THR A 419 33.77 -30.74 -0.25
C THR A 419 33.25 -32.08 0.25
N VAL A 420 32.31 -32.08 1.18
CA VAL A 420 31.98 -33.28 1.94
C VAL A 420 30.57 -33.78 1.58
N TYR A 421 30.48 -35.01 1.06
CA TYR A 421 29.21 -35.65 0.71
C TYR A 421 28.84 -36.67 1.78
N GLN A 422 27.67 -36.50 2.40
CA GLN A 422 27.15 -37.47 3.36
C GLN A 422 26.40 -38.58 2.64
N LEU A 423 26.79 -39.83 2.87
CA LEU A 423 26.16 -40.95 2.17
C LEU A 423 24.75 -41.21 2.69
N SER A 424 23.91 -41.81 1.84
CA SER A 424 22.56 -42.17 2.23
C SER A 424 22.58 -43.50 2.99
N LYS A 425 21.86 -43.55 4.12
CA LYS A 425 21.87 -44.71 5.02
C LYS A 425 20.54 -45.45 4.95
N VAL A 426 20.58 -46.73 4.52
CA VAL A 426 19.38 -47.61 4.50
C VAL A 426 19.80 -49.04 4.89
N GLN B 1 -6.90 5.89 23.44
CA GLN B 1 -6.02 5.41 22.38
C GLN B 1 -4.55 5.95 22.49
N GLY B 2 -3.76 5.49 21.51
CA GLY B 2 -2.42 5.98 21.25
C GLY B 2 -2.40 6.87 20.02
N LYS B 3 -1.23 6.95 19.41
CA LYS B 3 -1.01 8.02 18.44
C LYS B 3 -0.02 7.60 17.36
N LEU B 4 0.01 8.45 16.33
CA LEU B 4 0.94 8.36 15.22
C LEU B 4 1.70 9.68 15.15
N VAL B 5 3.03 9.58 15.00
CA VAL B 5 3.86 10.78 14.87
C VAL B 5 4.74 10.65 13.64
N GLU B 6 4.59 11.59 12.69
CA GLU B 6 5.41 11.60 11.48
C GLU B 6 6.63 12.49 11.67
N SER B 7 7.66 12.24 10.84
CA SER B 7 8.93 12.92 10.96
C SER B 7 9.70 12.81 9.66
N GLY B 8 10.57 13.81 9.42
CA GLY B 8 11.51 13.77 8.31
C GLY B 8 11.09 14.55 7.08
N GLY B 9 10.00 15.31 7.15
CA GLY B 9 9.70 16.22 6.10
C GLY B 9 10.63 17.42 6.16
N GLY B 10 10.83 18.04 5.01
CA GLY B 10 11.62 19.25 4.94
C GLY B 10 11.77 19.71 3.51
N VAL B 11 12.89 20.32 3.18
CA VAL B 11 13.12 20.74 1.81
C VAL B 11 14.00 19.71 1.13
N ILE B 12 13.84 19.54 -0.18
CA ILE B 12 14.53 18.50 -0.93
C ILE B 12 14.45 18.87 -2.42
N GLN B 13 15.49 18.55 -3.15
CA GLN B 13 15.63 19.05 -4.51
C GLN B 13 14.96 18.12 -5.51
N PRO B 14 14.46 18.66 -6.61
CA PRO B 14 13.63 17.86 -7.53
C PRO B 14 14.30 16.76 -8.32
N GLY B 15 14.47 15.60 -7.69
CA GLY B 15 14.98 14.42 -8.35
C GLY B 15 15.76 13.54 -7.40
N ARG B 16 15.98 14.07 -6.18
CA ARG B 16 16.61 13.35 -5.07
C ARG B 16 15.56 12.55 -4.30
N SER B 17 15.93 12.00 -3.14
CA SER B 17 15.11 11.08 -2.39
C SER B 17 14.93 11.61 -0.97
N LEU B 18 13.89 11.13 -0.30
CA LEU B 18 13.62 11.51 1.09
C LEU B 18 12.85 10.37 1.75
N ARG B 19 13.10 10.16 3.03
CA ARG B 19 12.51 9.05 3.77
C ARG B 19 11.73 9.63 4.93
N LEU B 20 10.41 9.49 4.86
CA LEU B 20 9.47 9.89 5.90
C LEU B 20 9.26 8.73 6.87
N SER B 21 8.87 9.09 8.09
CA SER B 21 8.72 8.12 9.15
C SER B 21 7.45 8.39 9.95
N CYS B 22 6.90 7.33 10.56
CA CYS B 22 5.69 7.36 11.37
C CYS B 22 5.90 6.44 12.56
N ALA B 23 5.67 6.95 13.76
CA ALA B 23 5.97 6.26 15.00
C ALA B 23 4.70 5.98 15.74
N ALA B 24 4.48 4.71 16.06
CA ALA B 24 3.24 4.23 16.64
C ALA B 24 3.40 4.08 18.14
N SER B 25 2.45 4.62 18.89
CA SER B 25 2.33 4.23 20.28
C SER B 25 0.88 3.99 20.62
N GLY B 26 0.67 3.24 21.69
CA GLY B 26 -0.62 3.23 22.34
C GLY B 26 -1.67 2.30 21.77
N PHE B 27 -1.35 1.52 20.74
CA PHE B 27 -2.27 0.52 20.21
C PHE B 27 -1.46 -0.64 19.64
N ASP B 28 -2.15 -1.67 19.17
CA ASP B 28 -1.53 -2.92 18.74
C ASP B 28 -1.04 -2.80 17.30
N PHE B 29 0.01 -2.00 17.14
CA PHE B 29 0.60 -1.76 15.83
C PHE B 29 0.82 -3.05 15.03
N SER B 30 0.94 -4.19 15.68
CA SER B 30 1.32 -5.38 14.91
C SER B 30 0.14 -5.99 14.19
N ARG B 31 -1.09 -5.54 14.49
CA ARG B 31 -2.29 -6.14 13.93
C ARG B 31 -3.15 -5.12 13.17
N TYR B 32 -2.58 -3.98 12.83
CA TYR B 32 -3.22 -3.01 11.97
C TYR B 32 -2.25 -2.67 10.86
N GLY B 33 -2.75 -2.54 9.63
CA GLY B 33 -1.97 -1.95 8.57
C GLY B 33 -2.13 -0.43 8.62
N LEU B 34 -1.42 0.27 7.75
CA LEU B 34 -1.54 1.73 7.76
C LEU B 34 -1.43 2.30 6.36
N HIS B 35 -1.85 3.55 6.22
CA HIS B 35 -1.72 4.29 4.98
C HIS B 35 -0.87 5.54 5.14
N TRP B 36 -0.28 5.96 4.03
CA TRP B 36 0.14 7.34 3.79
C TRP B 36 -0.87 8.01 2.88
N VAL B 37 -1.34 9.20 3.27
CA VAL B 37 -2.11 10.07 2.37
C VAL B 37 -1.58 11.50 2.54
N ARG B 38 -1.54 12.25 1.44
CA ARG B 38 -0.94 13.58 1.38
C ARG B 38 -1.95 14.61 0.87
N GLN B 39 -1.69 15.88 1.20
CA GLN B 39 -2.46 16.98 0.62
C GLN B 39 -1.57 18.18 0.29
N ALA B 40 -1.54 18.52 -1.00
CA ALA B 40 -0.72 19.62 -1.47
C ALA B 40 -1.37 20.93 -1.07
N PRO B 41 -0.59 21.95 -0.69
CA PRO B 41 -1.20 23.16 -0.12
C PRO B 41 -2.34 23.65 -1.00
N GLY B 42 -3.46 23.94 -0.36
CA GLY B 42 -4.68 24.19 -1.08
C GLY B 42 -5.52 22.94 -1.33
N LYS B 43 -5.04 22.07 -2.19
CA LYS B 43 -5.76 20.89 -2.73
C LYS B 43 -6.39 19.93 -1.71
N GLY B 44 -7.07 18.91 -2.23
CA GLY B 44 -7.78 17.98 -1.37
C GLY B 44 -6.91 16.92 -0.72
N LEU B 45 -7.53 15.81 -0.35
CA LEU B 45 -6.81 14.66 0.19
C LEU B 45 -6.60 13.65 -0.93
N GLU B 46 -5.38 13.12 -1.04
CA GLU B 46 -5.05 12.10 -2.03
C GLU B 46 -4.40 10.92 -1.32
N TRP B 47 -4.89 9.71 -1.57
CA TRP B 47 -4.28 8.53 -1.00
C TRP B 47 -3.01 8.19 -1.75
N VAL B 48 -1.99 7.77 -1.00
CA VAL B 48 -0.65 7.50 -1.53
C VAL B 48 -0.32 6.02 -1.50
N ALA B 49 -0.39 5.39 -0.31
CA ALA B 49 0.02 3.99 -0.25
C ALA B 49 -0.49 3.32 1.01
N VAL B 50 -0.52 1.99 0.96
CA VAL B 50 -0.97 1.18 2.08
C VAL B 50 -0.06 -0.02 2.28
N ILE B 51 0.14 -0.41 3.54
CA ILE B 51 0.81 -1.66 3.87
C ILE B 51 -0.03 -2.40 4.91
N VAL B 52 -0.12 -3.73 4.75
CA VAL B 52 -0.94 -4.58 5.62
C VAL B 52 -0.24 -4.83 6.94
N TYR B 53 -0.97 -5.35 7.94
CA TYR B 53 -0.38 -5.56 9.26
C TYR B 53 0.88 -6.42 9.15
N ALA B 54 0.89 -7.42 8.30
CA ALA B 54 2.08 -8.26 8.26
C ALA B 54 3.31 -7.57 7.65
N GLY B 55 3.16 -6.40 7.04
CA GLY B 55 4.28 -5.82 6.32
C GLY B 55 4.60 -6.42 4.98
N SER B 56 3.94 -7.50 4.58
CA SER B 56 4.34 -8.28 3.41
C SER B 56 3.51 -8.02 2.16
N ASN B 57 2.66 -7.00 2.15
CA ASN B 57 1.80 -6.69 1.00
C ASN B 57 1.66 -5.20 0.99
N LYS B 58 1.82 -4.58 -0.19
CA LYS B 58 1.80 -3.13 -0.28
C LYS B 58 1.04 -2.74 -1.54
N TYR B 59 0.47 -1.55 -1.53
CA TYR B 59 -0.23 -1.06 -2.71
C TYR B 59 -0.01 0.43 -2.83
N TYR B 60 0.08 0.92 -4.07
CA TYR B 60 0.38 2.33 -4.29
C TYR B 60 -0.64 2.98 -5.22
N ALA B 61 -0.97 4.22 -4.90
CA ALA B 61 -1.58 5.12 -5.86
C ALA B 61 -0.71 5.22 -7.10
N ASP B 62 -1.34 5.41 -8.26
CA ASP B 62 -0.55 5.50 -9.48
C ASP B 62 0.30 6.77 -9.55
N SER B 63 -0.09 7.85 -8.87
CA SER B 63 0.79 9.02 -8.74
C SER B 63 2.22 8.59 -8.51
N VAL B 64 2.41 7.71 -7.53
CA VAL B 64 3.73 7.44 -7.01
C VAL B 64 4.16 5.99 -7.22
N LYS B 65 3.42 5.25 -8.06
CA LYS B 65 3.82 3.89 -8.40
C LYS B 65 5.17 3.89 -9.12
N GLY B 66 6.12 3.14 -8.59
CA GLY B 66 7.44 3.06 -9.17
C GLY B 66 8.47 4.03 -8.61
N ARG B 67 8.07 4.93 -7.73
CA ARG B 67 9.00 5.84 -7.09
C ARG B 67 8.93 5.75 -5.59
N PHE B 68 7.76 5.51 -5.03
CA PHE B 68 7.59 5.44 -3.59
C PHE B 68 7.62 3.99 -3.14
N THR B 69 8.12 3.78 -1.93
CA THR B 69 8.07 2.47 -1.32
C THR B 69 7.66 2.58 0.15
N ILE B 70 6.74 1.70 0.57
CA ILE B 70 6.23 1.68 1.93
C ILE B 70 6.75 0.45 2.65
N SER B 71 7.06 0.62 3.94
CA SER B 71 7.67 -0.46 4.71
C SER B 71 7.18 -0.37 6.14
N LYS B 72 7.21 -1.51 6.82
CA LYS B 72 6.70 -1.54 8.18
C LYS B 72 7.63 -2.35 9.07
N ASP B 73 8.01 -1.80 10.21
CA ASP B 73 8.91 -2.45 11.16
C ASP B 73 8.17 -2.61 12.48
N ASN B 74 7.67 -3.83 12.74
CA ASN B 74 6.95 -4.08 13.97
C ASN B 74 7.86 -4.11 15.19
N SER B 75 9.16 -4.33 14.96
CA SER B 75 10.15 -4.39 16.05
C SER B 75 10.35 -3.03 16.72
N LYS B 76 10.37 -1.96 15.93
CA LYS B 76 10.48 -0.62 16.47
C LYS B 76 9.17 0.16 16.42
N ASN B 77 8.06 -0.52 16.01
CA ASN B 77 6.70 0.04 15.97
C ASN B 77 6.63 1.27 15.06
N THR B 78 7.10 1.11 13.83
CA THR B 78 7.26 2.30 13.04
C THR B 78 7.14 1.97 11.54
N MET B 79 6.57 2.91 10.78
CA MET B 79 6.33 2.75 9.35
C MET B 79 7.01 3.85 8.54
N HIS B 80 7.50 3.51 7.36
CA HIS B 80 8.30 4.45 6.59
C HIS B 80 7.87 4.57 5.14
N LEU B 81 8.06 5.76 4.60
CA LEU B 81 7.85 6.01 3.18
C LEU B 81 9.16 6.47 2.58
N GLN B 82 9.68 5.71 1.62
CA GLN B 82 10.91 6.05 0.92
C GLN B 82 10.50 6.59 -0.44
N MET B 83 10.51 7.92 -0.56
CA MET B 83 10.20 8.59 -1.80
C MET B 83 11.49 8.79 -2.57
N SER B 84 11.45 8.54 -3.87
CA SER B 84 12.60 8.76 -4.72
C SER B 84 12.14 9.46 -6.00
N ASP B 85 13.07 10.18 -6.62
CA ASP B 85 12.80 10.92 -7.85
C ASP B 85 11.63 11.86 -7.64
N LEU B 86 11.77 12.68 -6.60
CA LEU B 86 10.71 13.64 -6.25
C LEU B 86 10.54 14.64 -7.37
N ARG B 87 9.30 15.02 -7.60
CA ARG B 87 8.89 16.03 -8.56
C ARG B 87 8.22 17.15 -7.78
N THR B 88 7.86 18.25 -8.47
CA THR B 88 7.28 19.36 -7.73
C THR B 88 5.87 19.01 -7.22
N GLU B 89 5.15 18.13 -7.94
CA GLU B 89 3.81 17.73 -7.51
C GLU B 89 3.82 17.07 -6.14
N ASP B 90 4.92 16.43 -5.77
CA ASP B 90 4.95 15.76 -4.48
C ASP B 90 4.91 16.72 -3.30
N THR B 91 5.02 18.03 -3.54
CA THR B 91 5.05 18.96 -2.43
C THR B 91 3.70 18.93 -1.72
N ALA B 92 3.72 18.60 -0.44
CA ALA B 92 2.46 18.38 0.26
C ALA B 92 2.74 18.11 1.72
N VAL B 93 1.69 18.07 2.51
CA VAL B 93 1.78 17.53 3.85
C VAL B 93 1.47 16.03 3.79
N TYR B 94 2.30 15.23 4.46
CA TYR B 94 2.27 13.78 4.40
C TYR B 94 1.76 13.24 5.73
N TYR B 95 0.70 12.44 5.64
CA TYR B 95 -0.15 12.04 6.74
C TYR B 95 -0.12 10.53 6.91
N CYS B 96 -0.08 10.14 8.16
CA CYS B 96 -0.06 8.75 8.55
C CYS B 96 -1.46 8.38 9.07
N ALA B 97 -2.06 7.32 8.54
CA ALA B 97 -3.41 6.94 8.98
C ALA B 97 -3.54 5.45 9.24
N ARG B 98 -4.28 5.07 10.28
CA ARG B 98 -4.50 3.66 10.58
C ARG B 98 -5.60 3.09 9.70
N ASP B 99 -5.32 1.95 9.05
CA ASP B 99 -6.33 1.32 8.22
C ASP B 99 -7.35 0.56 9.04
N GLN B 100 -8.59 0.57 8.57
CA GLN B 100 -9.74 -0.14 9.11
C GLN B 100 -10.24 0.42 10.43
N ALA B 101 -9.41 1.14 11.15
CA ALA B 101 -9.85 1.85 12.36
C ALA B 101 -9.35 3.24 12.12
N PHE B 102 -10.10 3.99 11.30
CA PHE B 102 -9.56 5.13 10.59
C PHE B 102 -9.58 6.40 11.42
N ASP B 103 -9.98 6.32 12.69
CA ASP B 103 -10.10 7.49 13.54
C ASP B 103 -8.75 8.09 13.89
N LEU B 104 -7.65 7.37 13.67
CA LEU B 104 -6.35 7.74 14.21
C LEU B 104 -5.44 8.16 13.08
N TRP B 105 -5.19 9.48 12.99
CA TRP B 105 -4.23 10.04 12.04
C TRP B 105 -3.11 10.72 12.81
N GLY B 106 -1.98 10.89 12.14
CA GLY B 106 -0.90 11.71 12.64
C GLY B 106 -1.20 13.17 12.32
N GLN B 107 -0.24 14.04 12.64
CA GLN B 107 -0.47 15.46 12.41
C GLN B 107 0.15 15.97 11.13
N GLY B 108 1.12 15.28 10.56
CA GLY B 108 1.65 15.61 9.26
C GLY B 108 3.14 15.94 9.29
N THR B 109 3.78 15.91 8.11
CA THR B 109 5.00 16.70 7.89
C THR B 109 4.99 17.28 6.49
N MET B 110 5.63 18.45 6.35
CA MET B 110 5.68 19.17 5.08
C MET B 110 6.89 18.68 4.30
N VAL B 111 6.65 18.12 3.12
CA VAL B 111 7.69 17.85 2.14
C VAL B 111 7.58 18.94 1.10
N THR B 112 8.62 19.78 1.03
CA THR B 112 8.67 20.94 0.14
C THR B 112 9.74 20.69 -0.94
N VAL B 113 9.30 20.39 -2.16
CA VAL B 113 10.20 19.98 -3.24
C VAL B 113 10.57 21.22 -4.07
N SER B 114 11.71 21.84 -3.74
CA SER B 114 12.15 23.10 -4.34
C SER B 114 13.67 23.15 -4.50
N SER B 115 14.12 23.76 -5.60
CA SER B 115 15.55 23.88 -5.86
C SER B 115 16.14 25.16 -5.27
N ALA B 116 15.53 25.73 -4.25
CA ALA B 116 15.93 27.02 -3.72
C ALA B 116 16.59 26.88 -2.36
N SER B 117 17.35 27.92 -1.98
CA SER B 117 18.16 27.92 -0.76
C SER B 117 17.55 28.83 0.29
N THR B 118 17.85 28.52 1.56
CA THR B 118 17.37 29.34 2.66
C THR B 118 17.75 30.81 2.46
N LYS B 119 16.78 31.71 2.68
CA LYS B 119 17.02 33.14 2.50
C LYS B 119 16.08 33.90 3.41
N GLY B 120 16.60 34.95 4.04
CA GLY B 120 15.80 35.77 4.91
C GLY B 120 14.96 36.74 4.11
N PRO B 121 13.92 37.30 4.71
CA PRO B 121 13.06 38.24 3.98
C PRO B 121 13.54 39.68 4.04
N SER B 122 13.46 40.37 2.89
CA SER B 122 13.51 41.83 2.87
C SER B 122 12.15 42.38 3.28
N VAL B 123 12.13 43.30 4.24
CA VAL B 123 10.86 43.77 4.84
C VAL B 123 10.69 45.26 4.54
N PHE B 124 9.96 45.57 3.46
CA PHE B 124 9.67 46.90 3.00
C PHE B 124 8.38 47.43 3.64
N PRO B 125 8.19 48.73 3.79
CA PRO B 125 6.95 49.22 4.38
C PRO B 125 5.91 49.49 3.30
N LEU B 126 4.70 49.78 3.78
CA LEU B 126 3.55 50.11 2.95
C LEU B 126 2.76 51.12 3.77
N ALA B 127 2.79 52.37 3.32
CA ALA B 127 2.00 53.46 3.85
C ALA B 127 1.43 54.22 2.67
N PRO B 128 0.36 55.00 2.88
CA PRO B 128 -0.29 55.67 1.76
C PRO B 128 0.62 56.65 1.02
N SER B 129 0.20 56.94 -0.22
CA SER B 129 0.86 57.97 -1.03
C SER B 129 0.89 59.32 -0.32
N SER B 130 -0.23 59.74 0.26
CA SER B 130 -0.38 61.15 0.62
C SER B 130 -0.95 61.31 2.02
N LYS B 131 -0.73 62.48 2.60
CA LYS B 131 -1.57 62.92 3.71
C LYS B 131 -3.02 62.93 3.24
N SER B 132 -3.94 62.44 4.08
CA SER B 132 -5.37 62.49 3.81
C SER B 132 -6.03 63.46 4.78
N THR B 133 -7.35 63.60 4.70
CA THR B 133 -8.02 64.52 5.61
C THR B 133 -8.12 63.89 7.01
N GLY B 134 -8.67 64.64 7.96
CA GLY B 134 -8.66 64.21 9.35
C GLY B 134 -9.50 62.99 9.67
N GLY B 135 -10.40 62.58 8.77
CA GLY B 135 -11.42 61.60 9.07
C GLY B 135 -11.34 60.33 8.25
N GLY B 136 -12.06 59.30 8.72
CA GLY B 136 -12.06 57.99 8.13
C GLY B 136 -11.12 57.05 8.86
N THR B 137 -10.92 55.90 8.24
CA THR B 137 -9.94 54.90 8.66
C THR B 137 -8.84 54.77 7.61
N ALA B 138 -7.64 54.40 8.07
CA ALA B 138 -6.47 54.34 7.21
C ALA B 138 -5.72 53.03 7.43
N ALA B 139 -5.12 52.52 6.36
CA ALA B 139 -4.46 51.23 6.34
C ALA B 139 -2.96 51.37 6.14
N LEU B 140 -2.19 50.62 6.91
CA LEU B 140 -0.74 50.53 6.75
C LEU B 140 -0.32 49.07 6.82
N GLY B 141 0.97 48.81 6.65
CA GLY B 141 1.44 47.45 6.85
C GLY B 141 2.78 47.27 6.18
N CYS B 142 3.40 46.12 6.45
CA CYS B 142 4.69 45.85 5.85
C CYS B 142 4.58 44.69 4.87
N LEU B 143 5.52 44.65 3.94
CA LEU B 143 5.59 43.65 2.88
C LEU B 143 6.86 42.84 3.10
N VAL B 144 6.70 41.55 3.40
CA VAL B 144 7.79 40.63 3.67
C VAL B 144 8.08 39.87 2.38
N LYS B 145 9.23 40.12 1.77
CA LYS B 145 9.50 39.69 0.40
C LYS B 145 10.74 38.81 0.32
N ASP B 146 10.72 37.84 -0.61
CA ASP B 146 11.89 37.07 -1.02
C ASP B 146 12.56 36.36 0.18
N TYR B 147 11.84 35.38 0.73
CA TYR B 147 12.36 34.49 1.78
C TYR B 147 12.03 33.05 1.43
N PHE B 148 12.77 32.12 2.06
CA PHE B 148 12.59 30.67 1.91
C PHE B 148 12.96 29.97 3.20
N PRO B 149 12.20 28.96 3.64
CA PRO B 149 10.91 28.44 3.19
C PRO B 149 9.76 28.89 4.08
N GLU B 150 8.60 28.30 3.85
CA GLU B 150 7.31 28.92 4.17
C GLU B 150 7.12 29.46 5.59
N PRO B 151 7.65 28.88 6.66
CA PRO B 151 7.26 29.35 8.00
C PRO B 151 7.77 30.74 8.39
N VAL B 152 7.09 31.82 8.00
CA VAL B 152 7.45 33.16 8.45
C VAL B 152 6.33 33.70 9.32
N THR B 153 6.65 34.61 10.25
CA THR B 153 5.66 35.07 11.21
C THR B 153 5.80 36.55 11.55
N VAL B 154 4.67 37.25 11.63
CA VAL B 154 4.67 38.71 11.78
C VAL B 154 3.64 39.13 12.82
N SER B 155 4.02 40.14 13.61
CA SER B 155 3.16 40.71 14.65
C SER B 155 3.27 42.23 14.60
N TRP B 156 2.50 42.89 15.46
CA TRP B 156 2.42 44.35 15.44
C TRP B 156 2.63 44.91 16.83
N ASN B 157 3.72 45.69 16.98
CA ASN B 157 4.08 46.35 18.23
C ASN B 157 4.28 45.32 19.35
N SER B 158 4.96 44.22 19.00
CA SER B 158 5.20 43.08 19.91
C SER B 158 3.88 42.49 20.44
N GLY B 159 3.04 42.02 19.51
CA GLY B 159 1.76 41.45 19.85
C GLY B 159 0.76 42.38 20.52
N ALA B 160 1.09 43.66 20.69
CA ALA B 160 0.23 44.59 21.42
C ALA B 160 -0.91 45.12 20.57
N LEU B 161 -0.78 45.10 19.25
CA LEU B 161 -1.80 45.54 18.31
C LEU B 161 -2.32 44.32 17.58
N THR B 162 -3.62 44.05 17.73
CA THR B 162 -4.18 42.87 17.09
C THR B 162 -5.40 43.26 16.27
N SER B 163 -6.12 44.27 16.74
CA SER B 163 -7.46 44.53 16.22
C SER B 163 -7.36 45.19 14.85
N GLY B 164 -7.99 44.56 13.86
CA GLY B 164 -7.85 45.00 12.49
C GLY B 164 -6.53 44.63 11.85
N VAL B 165 -5.86 43.62 12.34
CA VAL B 165 -4.68 43.09 11.67
C VAL B 165 -5.11 41.99 10.71
N HIS B 166 -4.44 41.92 9.56
CA HIS B 166 -4.68 40.91 8.52
C HIS B 166 -3.34 40.48 7.93
N THR B 167 -2.89 39.26 8.23
CA THR B 167 -1.72 38.70 7.59
C THR B 167 -2.15 37.69 6.53
N PHE B 168 -1.61 37.81 5.33
CA PHE B 168 -2.11 37.06 4.18
C PHE B 168 -1.30 35.78 3.97
N PRO B 169 -1.86 34.80 3.26
CA PRO B 169 -1.04 33.66 2.83
C PRO B 169 0.04 34.14 1.89
N ALA B 170 1.20 33.51 1.96
CA ALA B 170 2.26 33.89 1.04
C ALA B 170 1.96 33.41 -0.36
N VAL B 171 2.63 34.01 -1.33
CA VAL B 171 2.53 33.58 -2.71
C VAL B 171 3.90 33.08 -3.15
N LEU B 172 3.90 32.26 -4.20
CA LEU B 172 5.12 31.64 -4.67
C LEU B 172 5.53 32.33 -5.96
N GLN B 173 6.63 33.07 -5.91
CA GLN B 173 7.15 33.85 -7.02
C GLN B 173 7.83 32.95 -8.04
N SER B 174 7.96 33.44 -9.29
CA SER B 174 8.69 32.69 -10.31
C SER B 174 10.16 32.48 -9.94
N SER B 175 10.70 33.31 -9.04
CA SER B 175 12.02 33.03 -8.52
C SER B 175 12.06 31.77 -7.68
N GLY B 176 10.93 31.32 -7.16
CA GLY B 176 10.93 30.30 -6.14
C GLY B 176 11.05 30.85 -4.75
N LEU B 177 10.70 32.11 -4.56
CA LEU B 177 10.77 32.75 -3.25
C LEU B 177 9.37 33.22 -2.84
N TYR B 178 9.06 33.01 -1.57
CA TYR B 178 7.77 33.44 -1.05
C TYR B 178 7.82 34.93 -0.75
N SER B 179 6.68 35.61 -0.95
CA SER B 179 6.51 36.94 -0.38
C SER B 179 5.06 37.08 0.09
N LEU B 180 4.90 37.68 1.25
CA LEU B 180 3.55 37.91 1.80
C LEU B 180 3.49 39.31 2.38
N SER B 181 2.30 39.70 2.78
CA SER B 181 2.07 41.05 3.28
C SER B 181 1.34 40.98 4.62
N SER B 182 1.34 42.09 5.34
CA SER B 182 0.54 42.19 6.55
C SER B 182 0.07 43.63 6.72
N VAL B 183 -1.24 43.81 6.88
CA VAL B 183 -1.85 45.13 6.96
C VAL B 183 -2.58 45.26 8.29
N VAL B 184 -2.68 46.49 8.77
CA VAL B 184 -3.54 46.83 9.89
C VAL B 184 -4.25 48.12 9.55
N THR B 185 -5.54 48.21 9.90
CA THR B 185 -6.33 49.42 9.73
C THR B 185 -6.54 50.07 11.10
N VAL B 186 -6.19 51.36 11.20
CA VAL B 186 -6.42 52.16 12.40
C VAL B 186 -7.35 53.32 12.04
N PRO B 187 -7.87 54.06 13.02
CA PRO B 187 -8.63 55.27 12.65
C PRO B 187 -7.66 56.30 12.09
N SER B 188 -8.02 56.85 10.92
CA SER B 188 -7.06 57.68 10.19
C SER B 188 -6.61 58.87 11.01
N SER B 189 -7.41 59.30 11.99
CA SER B 189 -7.01 60.37 12.89
C SER B 189 -5.75 59.99 13.65
N SER B 190 -5.86 58.97 14.50
CA SER B 190 -4.77 58.65 15.42
C SER B 190 -3.69 57.81 14.72
N LEU B 191 -3.01 58.46 13.78
CA LEU B 191 -1.68 58.02 13.35
C LEU B 191 -0.59 59.03 13.67
N GLY B 192 -0.93 60.28 13.95
CA GLY B 192 0.03 61.17 14.56
C GLY B 192 0.26 60.92 16.04
N THR B 193 -0.57 60.09 16.66
CA THR B 193 -0.41 59.77 18.09
C THR B 193 0.39 58.48 18.31
N GLN B 194 -0.11 57.34 17.80
CA GLN B 194 0.45 56.03 18.10
C GLN B 194 1.61 55.68 17.14
N THR B 195 2.50 54.81 17.62
CA THR B 195 3.65 54.33 16.86
C THR B 195 3.42 52.88 16.45
N TYR B 196 3.41 52.65 15.13
CA TYR B 196 3.06 51.36 14.53
C TYR B 196 4.32 50.73 13.95
N ILE B 197 4.76 49.61 14.56
CA ILE B 197 6.00 48.94 14.16
C ILE B 197 5.73 47.46 13.90
N CYS B 198 6.39 46.95 12.87
CA CYS B 198 6.19 45.63 12.25
C CYS B 198 7.25 44.65 12.77
N ASN B 199 6.83 43.44 13.17
CA ASN B 199 7.73 42.49 13.83
C ASN B 199 7.79 41.20 13.01
N VAL B 200 8.83 41.01 12.21
CA VAL B 200 8.95 39.84 11.34
C VAL B 200 9.99 38.89 11.89
N ASN B 201 9.73 37.59 11.76
CA ASN B 201 10.55 36.53 12.31
C ASN B 201 10.54 35.36 11.33
N HIS B 202 11.72 34.99 10.83
CA HIS B 202 11.89 33.91 9.85
C HIS B 202 12.93 32.96 10.41
N LYS B 203 12.46 31.98 11.20
CA LYS B 203 13.37 31.09 11.91
C LYS B 203 14.26 30.24 11.01
N PRO B 204 13.84 29.80 9.81
CA PRO B 204 14.74 28.93 9.01
C PRO B 204 16.13 29.49 8.72
N SER B 205 16.27 30.80 8.48
CA SER B 205 17.58 31.43 8.38
C SER B 205 17.91 32.23 9.63
N ASN B 206 17.22 31.94 10.75
CA ASN B 206 17.51 32.53 12.05
C ASN B 206 17.44 34.06 12.00
N THR B 207 16.43 34.58 11.29
CA THR B 207 16.25 36.02 11.04
C THR B 207 15.17 36.60 11.92
N LYS B 208 15.42 37.79 12.46
CA LYS B 208 14.47 38.49 13.32
C LYS B 208 14.68 39.98 13.15
N VAL B 209 13.67 40.70 12.62
CA VAL B 209 13.83 42.11 12.29
C VAL B 209 12.55 42.87 12.65
N ASP B 210 12.73 44.15 12.98
CA ASP B 210 11.65 45.11 13.20
C ASP B 210 11.73 46.18 12.11
N LYS B 211 10.58 46.65 11.65
CA LYS B 211 10.51 47.77 10.69
C LYS B 211 9.48 48.76 11.19
N LYS B 212 9.91 50.00 11.43
CA LYS B 212 8.98 51.05 11.79
C LYS B 212 8.35 51.60 10.52
N VAL B 213 7.03 51.70 10.50
CA VAL B 213 6.28 52.19 9.33
C VAL B 213 5.73 53.55 9.68
N GLU B 214 6.02 54.55 8.85
CA GLU B 214 5.68 55.95 9.15
C GLU B 214 4.68 56.52 8.17
N PRO B 215 3.40 56.69 8.58
CA PRO B 215 2.46 57.50 7.79
C PRO B 215 2.59 58.98 8.15
N LYS B 216 1.79 59.81 7.47
CA LYS B 216 1.85 61.26 7.60
C LYS B 216 0.62 61.76 8.37
N SER B 217 0.86 62.59 9.39
CA SER B 217 -0.26 63.27 10.05
C SER B 217 -0.94 64.20 9.06
N CYS B 218 -2.17 64.56 9.37
CA CYS B 218 -3.13 64.91 8.34
C CYS B 218 -3.56 66.38 8.36
N ASP B 219 -4.30 66.73 7.29
CA ASP B 219 -4.84 68.03 6.83
C ASP B 219 -4.54 68.23 5.34
N ASP C 1 -9.77 2.50 -10.68
CA ASP C 1 -9.98 2.10 -9.29
C ASP C 1 -11.42 2.41 -8.88
N ILE C 2 -11.63 2.89 -7.65
CA ILE C 2 -12.95 3.29 -7.21
C ILE C 2 -12.95 4.80 -7.03
N GLN C 3 -13.93 5.47 -7.64
CA GLN C 3 -14.04 6.93 -7.68
C GLN C 3 -15.16 7.39 -6.76
N MET C 4 -14.81 8.11 -5.70
CA MET C 4 -15.80 8.92 -5.03
C MET C 4 -15.91 10.25 -5.75
N THR C 5 -17.14 10.70 -6.01
CA THR C 5 -17.33 12.03 -6.58
C THR C 5 -18.28 12.78 -5.67
N GLN C 6 -17.81 13.88 -5.10
CA GLN C 6 -18.47 14.56 -3.99
C GLN C 6 -19.09 15.86 -4.50
N SER C 7 -20.31 16.16 -4.03
CA SER C 7 -21.13 17.33 -4.39
C SER C 7 -21.75 17.93 -3.13
N PRO C 8 -21.84 19.27 -3.03
CA PRO C 8 -21.55 20.24 -4.07
C PRO C 8 -20.10 20.65 -4.13
N ALA C 9 -19.74 21.42 -5.14
CA ALA C 9 -18.37 21.99 -5.29
C ALA C 9 -17.99 22.71 -3.99
N SER C 10 -18.79 23.70 -3.61
CA SER C 10 -18.67 24.36 -2.32
C SER C 10 -20.06 24.73 -1.79
N LEU C 11 -20.14 25.10 -0.52
CA LEU C 11 -21.41 25.39 0.10
C LEU C 11 -21.31 26.57 1.06
N SER C 12 -22.28 27.46 0.97
CA SER C 12 -22.43 28.61 1.85
C SER C 12 -23.81 28.57 2.50
N ALA C 13 -23.85 28.77 3.83
CA ALA C 13 -25.09 28.64 4.57
C ALA C 13 -24.98 29.36 5.91
N SER C 14 -26.13 29.85 6.39
CA SER C 14 -26.19 30.66 7.61
C SER C 14 -26.25 29.78 8.83
N VAL C 15 -25.65 30.24 9.93
CA VAL C 15 -25.59 29.44 11.15
C VAL C 15 -26.97 29.11 11.69
N GLY C 16 -27.32 27.82 11.63
CA GLY C 16 -28.61 27.29 12.05
C GLY C 16 -29.24 26.35 11.03
N ASP C 17 -28.82 26.48 9.76
CA ASP C 17 -29.46 25.82 8.62
C ASP C 17 -29.11 24.34 8.54
N ARG C 18 -29.53 23.70 7.43
CA ARG C 18 -29.42 22.26 7.17
C ARG C 18 -28.49 22.00 5.98
N VAL C 19 -27.32 21.39 6.27
CA VAL C 19 -26.27 21.12 5.29
C VAL C 19 -26.42 19.70 4.78
N THR C 20 -26.28 19.52 3.47
CA THR C 20 -26.44 18.19 2.87
C THR C 20 -25.39 17.99 1.79
N ILE C 21 -24.35 17.21 2.11
CA ILE C 21 -23.29 16.82 1.18
C ILE C 21 -23.59 15.42 0.68
N THR C 22 -23.28 15.16 -0.59
CA THR C 22 -23.57 13.88 -1.21
C THR C 22 -22.31 13.33 -1.85
N CYS C 23 -22.11 12.02 -1.80
CA CYS C 23 -20.98 11.35 -2.42
C CYS C 23 -21.51 10.22 -3.28
N GLN C 24 -20.95 10.04 -4.47
CA GLN C 24 -21.39 8.94 -5.33
C GLN C 24 -20.21 8.07 -5.73
N ALA C 25 -20.34 6.78 -5.48
CA ALA C 25 -19.26 5.82 -5.66
C ALA C 25 -19.33 5.21 -7.06
N SER C 26 -18.20 5.21 -7.76
CA SER C 26 -18.12 4.68 -9.12
C SER C 26 -18.67 3.25 -9.22
N GLN C 27 -18.60 2.47 -8.14
CA GLN C 27 -19.18 1.12 -8.02
C GLN C 27 -19.82 1.00 -6.66
N GLY C 28 -20.46 -0.14 -6.42
CA GLY C 28 -21.18 -0.32 -5.17
C GLY C 28 -20.30 -0.82 -4.05
N ILE C 29 -20.06 0.00 -3.04
CA ILE C 29 -19.10 -0.29 -1.99
C ILE C 29 -19.78 -0.63 -0.68
N SER C 30 -21.10 -0.67 -0.69
CA SER C 30 -22.08 -1.24 0.23
C SER C 30 -22.30 -0.51 1.55
N ARG C 31 -21.28 -0.19 2.32
CA ARG C 31 -21.48 0.72 3.48
C ARG C 31 -20.09 1.15 3.90
N SER C 32 -19.17 1.06 2.97
CA SER C 32 -17.78 1.27 3.32
C SER C 32 -17.39 2.70 3.01
N VAL C 33 -17.98 3.62 3.76
CA VAL C 33 -17.81 5.04 3.54
C VAL C 33 -17.62 5.73 4.87
N ASN C 34 -16.54 6.50 4.98
CA ASN C 34 -16.28 7.41 6.10
C ASN C 34 -16.49 8.85 5.68
N TRP C 35 -16.85 9.69 6.65
CA TRP C 35 -16.99 11.14 6.47
C TRP C 35 -16.08 11.83 7.48
N TYR C 36 -15.13 12.62 6.95
CA TYR C 36 -14.11 13.37 7.67
C TYR C 36 -14.39 14.88 7.68
N GLN C 37 -14.17 15.51 8.83
CA GLN C 37 -14.14 16.96 8.93
C GLN C 37 -12.72 17.45 9.21
N GLN C 38 -12.28 18.49 8.51
CA GLN C 38 -10.96 19.04 8.74
C GLN C 38 -11.04 20.55 8.69
N LYS C 39 -10.46 21.22 9.68
CA LYS C 39 -10.30 22.67 9.86
C LYS C 39 -8.89 23.09 9.47
N PRO C 40 -8.73 24.25 8.83
CA PRO C 40 -7.48 24.55 8.13
C PRO C 40 -6.26 24.40 9.04
N GLY C 41 -5.17 23.88 8.46
CA GLY C 41 -3.96 23.54 9.18
C GLY C 41 -4.19 22.62 10.35
N LYS C 42 -4.86 21.49 10.13
CA LYS C 42 -5.18 20.50 11.16
C LYS C 42 -5.44 19.16 10.49
N ALA C 43 -5.13 18.08 11.21
CA ALA C 43 -5.35 16.75 10.65
C ALA C 43 -6.85 16.43 10.63
N PRO C 44 -7.34 15.81 9.55
CA PRO C 44 -8.78 15.52 9.45
C PRO C 44 -9.26 14.68 10.62
N LYS C 45 -10.55 14.81 10.94
CA LYS C 45 -11.18 14.15 12.06
C LYS C 45 -12.33 13.29 11.54
N LEU C 46 -12.35 12.02 11.91
CA LEU C 46 -13.40 11.12 11.44
C LEU C 46 -14.68 11.39 12.21
N LEU C 47 -15.76 11.71 11.48
CA LEU C 47 -17.08 11.92 12.09
C LEU C 47 -17.98 10.71 11.95
N ILE C 48 -18.04 10.10 10.77
CA ILE C 48 -19.01 9.03 10.48
C ILE C 48 -18.28 7.86 9.85
N PHE C 49 -18.43 6.69 10.42
CA PHE C 49 -17.92 5.48 9.78
C PHE C 49 -19.02 4.52 9.43
N ASP C 50 -18.72 3.61 8.51
CA ASP C 50 -19.67 2.59 8.07
C ASP C 50 -20.93 3.23 7.46
N ALA C 51 -20.76 4.43 6.93
CA ALA C 51 -21.72 5.26 6.23
C ALA C 51 -22.76 5.92 7.13
N SER C 52 -22.94 5.41 8.35
CA SER C 52 -23.97 5.96 9.25
C SER C 52 -23.61 6.03 10.73
N HIS C 53 -22.57 5.36 11.22
CA HIS C 53 -22.24 5.38 12.64
C HIS C 53 -21.54 6.68 13.05
N LEU C 54 -22.02 7.30 14.12
CA LEU C 54 -21.35 8.46 14.68
C LEU C 54 -20.17 8.02 15.51
N GLU C 55 -19.02 8.69 15.33
CA GLU C 55 -17.93 8.41 16.24
C GLU C 55 -18.23 9.01 17.62
N ARG C 56 -17.52 8.52 18.64
CA ARG C 56 -17.89 8.82 20.01
C ARG C 56 -17.62 10.30 20.30
N GLY C 57 -18.52 10.92 21.07
CA GLY C 57 -18.37 12.33 21.37
C GLY C 57 -18.58 13.25 20.21
N VAL C 58 -19.16 12.77 19.11
CA VAL C 58 -19.55 13.60 17.99
C VAL C 58 -20.97 14.02 18.27
N PRO C 59 -21.34 15.27 18.00
CA PRO C 59 -22.64 15.77 18.46
C PRO C 59 -23.84 15.25 17.67
N SER C 60 -24.99 15.42 18.34
CA SER C 60 -26.28 14.93 17.88
C SER C 60 -26.59 15.33 16.43
N ARG C 61 -25.99 16.43 15.96
CA ARG C 61 -26.40 17.08 14.72
C ARG C 61 -26.04 16.29 13.48
N PHE C 62 -25.01 15.47 13.57
CA PHE C 62 -24.36 14.89 12.39
C PHE C 62 -24.97 13.53 12.06
N SER C 63 -25.15 13.27 10.77
CA SER C 63 -25.80 12.02 10.42
C SER C 63 -25.45 11.59 9.01
N GLY C 64 -25.32 10.29 8.81
CA GLY C 64 -24.92 9.74 7.53
C GLY C 64 -25.92 8.70 7.07
N SER C 65 -26.19 8.70 5.79
CA SER C 65 -27.13 7.78 5.20
C SER C 65 -26.50 7.24 3.94
N GLY C 66 -26.92 6.05 3.56
CA GLY C 66 -26.51 5.46 2.29
C GLY C 66 -26.25 3.97 2.40
N TYR C 67 -26.38 3.30 1.27
CA TYR C 67 -25.95 1.93 1.08
C TYR C 67 -25.88 1.74 -0.42
N GLY C 68 -24.83 1.06 -0.89
CA GLY C 68 -24.72 0.87 -2.33
C GLY C 68 -23.75 1.80 -3.02
N THR C 69 -24.26 2.88 -3.65
CA THR C 69 -23.38 3.88 -4.27
C THR C 69 -23.66 5.33 -3.91
N ASP C 70 -24.84 5.67 -3.38
CA ASP C 70 -25.18 7.06 -3.16
C ASP C 70 -25.29 7.34 -1.68
N PHE C 71 -24.40 8.20 -1.18
CA PHE C 71 -24.28 8.45 0.26
C PHE C 71 -24.54 9.92 0.54
N THR C 72 -24.92 10.19 1.78
CA THR C 72 -25.31 11.53 2.20
C THR C 72 -24.80 11.80 3.59
N PHE C 73 -23.96 12.81 3.70
CA PHE C 73 -23.61 13.43 4.97
C PHE C 73 -24.58 14.60 5.18
N THR C 74 -25.04 14.78 6.43
CA THR C 74 -26.00 15.83 6.75
C THR C 74 -25.72 16.42 8.13
N ILE C 75 -25.79 17.76 8.19
CA ILE C 75 -25.84 18.48 9.46
C ILE C 75 -27.22 19.10 9.57
N SER C 76 -27.79 19.05 10.77
CA SER C 76 -29.15 19.57 10.99
C SER C 76 -29.14 21.09 11.18
N SER C 77 -28.53 21.58 12.26
CA SER C 77 -28.38 23.02 12.50
C SER C 77 -26.89 23.32 12.56
N LEU C 78 -26.38 23.99 11.53
CA LEU C 78 -24.98 24.40 11.49
C LEU C 78 -24.66 25.25 12.72
N GLN C 79 -23.43 25.22 13.15
CA GLN C 79 -23.06 26.00 14.33
C GLN C 79 -21.77 26.70 13.95
N PRO C 80 -21.28 27.70 14.70
CA PRO C 80 -20.04 28.36 14.29
C PRO C 80 -18.92 27.37 13.98
N GLU C 81 -18.56 26.54 14.97
CA GLU C 81 -17.37 25.70 14.87
C GLU C 81 -17.57 24.50 13.97
N ASP C 82 -18.67 24.42 13.22
CA ASP C 82 -18.82 23.40 12.21
C ASP C 82 -18.28 23.85 10.86
N ILE C 83 -17.71 25.05 10.78
CA ILE C 83 -17.19 25.55 9.52
C ILE C 83 -15.82 24.92 9.26
N ALA C 84 -15.72 24.21 8.14
CA ALA C 84 -14.55 23.39 7.83
C ALA C 84 -14.71 22.88 6.40
N THR C 85 -13.83 21.95 6.00
CA THR C 85 -14.02 21.16 4.78
C THR C 85 -14.32 19.72 5.16
N TYR C 86 -15.18 19.07 4.38
CA TYR C 86 -15.64 17.71 4.63
C TYR C 86 -15.27 16.82 3.45
N TYR C 87 -14.70 15.64 3.75
CA TYR C 87 -14.34 14.67 2.72
C TYR C 87 -14.99 13.33 2.99
N CYS C 88 -15.51 12.69 1.93
CA CYS C 88 -15.88 11.29 2.01
C CYS C 88 -14.68 10.43 1.63
N GLN C 89 -14.62 9.23 2.20
CA GLN C 89 -13.59 8.26 1.85
C GLN C 89 -14.20 6.86 1.78
N GLN C 90 -13.82 6.10 0.76
CA GLN C 90 -14.28 4.73 0.64
C GLN C 90 -13.16 3.76 1.03
N TYR C 91 -13.56 2.62 1.61
CA TYR C 91 -12.61 1.59 1.95
C TYR C 91 -13.15 0.22 1.58
N ASP C 92 -13.73 0.14 0.40
CA ASP C 92 -14.23 -1.14 -0.09
C ASP C 92 -13.14 -2.21 0.00
N ASN C 93 -11.88 -1.83 -0.24
CA ASN C 93 -10.78 -2.79 -0.25
C ASN C 93 -9.55 -2.10 0.38
N LEU C 94 -8.34 -2.57 0.08
CA LEU C 94 -7.15 -1.89 0.62
C LEU C 94 -6.83 -0.59 -0.11
N ARG C 95 -7.09 -0.50 -1.41
CA ARG C 95 -6.89 0.76 -2.11
C ARG C 95 -7.98 1.79 -1.77
N ILE C 96 -7.81 2.55 -0.69
CA ILE C 96 -8.82 3.56 -0.33
C ILE C 96 -8.78 4.72 -1.31
N SER C 97 -9.79 5.59 -1.25
CA SER C 97 -9.87 6.76 -2.13
C SER C 97 -10.85 7.76 -1.54
N PHE C 98 -10.56 9.04 -1.77
CA PHE C 98 -11.25 10.15 -1.15
C PHE C 98 -12.13 10.88 -2.16
N GLY C 99 -13.06 11.65 -1.62
CA GLY C 99 -13.81 12.58 -2.41
C GLY C 99 -13.07 13.90 -2.53
N GLN C 100 -13.47 14.69 -3.53
CA GLN C 100 -12.74 15.92 -3.81
C GLN C 100 -12.88 16.94 -2.68
N GLY C 101 -13.84 16.77 -1.77
CA GLY C 101 -14.03 17.64 -0.62
C GLY C 101 -15.10 18.68 -0.88
N THR C 102 -15.63 19.27 0.21
CA THR C 102 -16.53 20.40 0.07
C THR C 102 -16.26 21.42 1.17
N ARG C 103 -16.28 22.72 0.79
CA ARG C 103 -15.83 23.83 1.61
C ARG C 103 -17.04 24.58 2.19
N LEU C 104 -17.10 24.73 3.51
CA LEU C 104 -18.24 25.35 4.18
C LEU C 104 -17.91 26.77 4.64
N GLU C 105 -18.89 27.67 4.51
CA GLU C 105 -18.68 29.11 4.69
C GLU C 105 -19.91 29.74 5.31
N ILE C 106 -19.77 30.37 6.50
CA ILE C 106 -20.88 31.10 7.11
C ILE C 106 -21.36 32.21 6.17
N LYS C 107 -22.67 32.26 5.92
CA LYS C 107 -23.24 33.22 4.98
C LYS C 107 -23.75 34.46 5.73
N ARG C 108 -23.69 35.59 5.02
CA ARG C 108 -23.60 36.92 5.62
C ARG C 108 -24.20 37.91 4.64
N THR C 109 -24.48 39.10 5.15
CA THR C 109 -24.97 40.16 4.30
C THR C 109 -23.81 40.70 3.46
N VAL C 110 -24.14 41.19 2.26
CA VAL C 110 -23.13 41.76 1.36
C VAL C 110 -22.46 42.97 2.01
N ALA C 111 -21.14 42.98 1.99
CA ALA C 111 -20.37 44.08 2.57
C ALA C 111 -19.19 44.38 1.66
N ALA C 112 -19.16 45.59 1.10
CA ALA C 112 -18.19 45.93 0.07
C ALA C 112 -16.83 46.22 0.67
N PRO C 113 -15.76 46.15 -0.13
CA PRO C 113 -14.42 46.25 0.45
C PRO C 113 -13.93 47.68 0.55
N SER C 114 -13.18 47.95 1.61
CA SER C 114 -12.37 49.16 1.65
C SER C 114 -11.15 48.95 0.76
N VAL C 115 -10.92 49.83 -0.21
CA VAL C 115 -9.77 49.67 -1.10
C VAL C 115 -8.65 50.63 -0.72
N PHE C 116 -7.43 50.12 -0.67
CA PHE C 116 -6.26 50.94 -0.37
C PHE C 116 -5.15 50.56 -1.35
N ILE C 117 -4.38 51.54 -1.83
CA ILE C 117 -3.23 51.29 -2.69
C ILE C 117 -1.97 51.81 -2.00
N PHE C 118 -0.86 51.09 -2.21
CA PHE C 118 0.45 51.43 -1.69
C PHE C 118 1.46 51.43 -2.82
N PRO C 119 2.36 52.42 -2.86
CA PRO C 119 3.41 52.43 -3.84
C PRO C 119 4.65 51.73 -3.30
N PRO C 120 5.60 51.37 -4.15
CA PRO C 120 6.83 50.78 -3.67
C PRO C 120 7.59 51.73 -2.75
N SER C 121 8.38 51.15 -1.86
CA SER C 121 9.13 51.90 -0.86
C SER C 121 10.46 52.34 -1.44
N ASP C 122 10.93 53.51 -0.98
CA ASP C 122 12.28 53.94 -1.31
C ASP C 122 13.27 52.82 -1.06
N GLU C 123 13.17 52.26 0.14
CA GLU C 123 14.05 51.16 0.59
C GLU C 123 14.06 50.03 -0.45
N GLN C 124 12.92 49.66 -1.00
CA GLN C 124 12.83 48.54 -1.93
C GLN C 124 13.38 48.91 -3.31
N LEU C 125 13.21 50.18 -3.73
CA LEU C 125 13.66 50.65 -5.03
C LEU C 125 15.17 50.86 -5.09
N LYS C 126 15.82 51.09 -3.94
CA LYS C 126 17.28 51.04 -3.88
C LYS C 126 17.83 49.70 -4.36
N SER C 127 16.98 48.68 -4.58
CA SER C 127 17.40 47.31 -4.83
C SER C 127 17.10 46.79 -6.23
N GLY C 128 16.22 47.43 -6.99
CA GLY C 128 16.09 47.10 -8.39
C GLY C 128 14.76 46.55 -8.86
N THR C 129 13.75 46.50 -7.98
CA THR C 129 12.42 45.98 -8.28
C THR C 129 11.37 46.69 -7.45
N ALA C 130 10.14 46.71 -7.97
CA ALA C 130 9.07 47.56 -7.46
C ALA C 130 7.81 46.72 -7.22
N SER C 131 7.33 46.74 -5.97
CA SER C 131 6.11 46.09 -5.57
C SER C 131 5.07 47.15 -5.27
N VAL C 132 4.11 47.34 -6.21
CA VAL C 132 2.87 48.04 -5.93
C VAL C 132 1.93 47.06 -5.26
N VAL C 133 1.20 47.49 -4.21
CA VAL C 133 0.31 46.59 -3.47
C VAL C 133 -1.08 47.21 -3.37
N CYS C 134 -2.11 46.37 -3.55
CA CYS C 134 -3.51 46.79 -3.45
C CYS C 134 -4.19 45.92 -2.40
N LEU C 135 -4.97 46.53 -1.50
CA LEU C 135 -5.62 45.83 -0.38
C LEU C 135 -7.14 46.04 -0.44
N LEU C 136 -7.88 44.93 -0.53
CA LEU C 136 -9.31 44.89 -0.34
C LEU C 136 -9.56 44.43 1.09
N ASN C 137 -10.23 45.25 1.87
CA ASN C 137 -10.33 45.04 3.31
C ASN C 137 -11.77 44.79 3.69
N ASN C 138 -12.00 43.59 4.24
CA ASN C 138 -13.19 43.13 4.98
C ASN C 138 -14.46 43.17 4.13
N PHE C 139 -14.51 42.31 3.11
CA PHE C 139 -15.65 42.25 2.21
C PHE C 139 -16.33 40.89 2.25
N TYR C 140 -17.45 40.77 1.53
CA TYR C 140 -18.23 39.55 1.36
C TYR C 140 -19.21 39.79 0.22
N PRO C 141 -19.46 38.79 -0.66
CA PRO C 141 -18.84 37.48 -0.78
C PRO C 141 -17.34 37.47 -1.22
N ARG C 142 -16.74 36.28 -1.32
CA ARG C 142 -15.30 36.19 -1.61
C ARG C 142 -14.96 36.75 -2.98
N GLU C 143 -15.87 36.62 -3.95
CA GLU C 143 -15.59 36.87 -5.36
C GLU C 143 -15.35 38.34 -5.61
N ALA C 144 -14.20 38.67 -6.20
CA ALA C 144 -13.86 40.05 -6.54
C ALA C 144 -12.84 40.06 -7.67
N LYS C 145 -12.94 41.06 -8.54
CA LYS C 145 -11.93 41.28 -9.57
C LYS C 145 -11.05 42.45 -9.16
N VAL C 146 -9.75 42.19 -8.98
CA VAL C 146 -8.76 43.27 -8.92
C VAL C 146 -8.12 43.35 -10.28
N GLN C 147 -8.17 44.54 -10.89
CA GLN C 147 -7.56 44.82 -12.19
C GLN C 147 -6.55 45.95 -12.05
N TRP C 148 -5.27 45.67 -12.34
CA TRP C 148 -4.25 46.70 -12.26
C TRP C 148 -4.21 47.54 -13.53
N LYS C 149 -3.80 48.80 -13.39
CA LYS C 149 -3.75 49.73 -14.50
C LYS C 149 -2.50 50.58 -14.38
N VAL C 150 -1.62 50.49 -15.37
CA VAL C 150 -0.44 51.35 -15.46
C VAL C 150 -0.66 52.30 -16.64
N ASP C 151 -0.89 53.58 -16.32
CA ASP C 151 -1.18 54.61 -17.31
C ASP C 151 -2.43 54.24 -18.10
N ASN C 152 -3.51 54.00 -17.37
CA ASN C 152 -4.80 53.56 -17.93
C ASN C 152 -4.64 52.38 -18.91
N ALA C 153 -3.57 51.60 -18.75
CA ALA C 153 -3.31 50.41 -19.56
C ALA C 153 -3.51 49.18 -18.70
N LEU C 154 -4.31 48.24 -19.19
CA LEU C 154 -4.77 47.08 -18.41
C LEU C 154 -3.70 46.00 -18.35
N GLN C 155 -3.25 45.63 -17.15
CA GLN C 155 -2.18 44.64 -16.99
C GLN C 155 -2.69 43.20 -16.99
N SER C 156 -1.76 42.25 -17.12
CA SER C 156 -2.07 40.81 -17.11
C SER C 156 -0.81 40.02 -16.78
N GLY C 157 -0.91 39.13 -15.80
CA GLY C 157 0.15 38.16 -15.57
C GLY C 157 1.37 38.65 -14.83
N ASN C 158 1.39 39.90 -14.36
CA ASN C 158 2.41 40.42 -13.47
C ASN C 158 1.91 40.57 -12.03
N SER C 159 0.79 39.92 -11.69
CA SER C 159 0.08 40.14 -10.44
C SER C 159 -0.12 38.83 -9.70
N GLN C 160 0.05 38.86 -8.39
CA GLN C 160 -0.33 37.72 -7.56
C GLN C 160 -1.27 38.20 -6.44
N GLU C 161 -2.50 37.67 -6.45
CA GLU C 161 -3.47 37.84 -5.37
C GLU C 161 -3.31 36.74 -4.34
N SER C 162 -3.74 37.03 -3.11
CA SER C 162 -3.82 36.04 -2.05
C SER C 162 -4.88 36.50 -1.04
N VAL C 163 -5.82 35.62 -0.70
CA VAL C 163 -7.01 35.99 0.07
C VAL C 163 -7.06 35.17 1.36
N THR C 164 -7.46 35.82 2.46
CA THR C 164 -7.47 35.21 3.80
C THR C 164 -8.66 34.27 3.99
N GLU C 165 -8.64 33.58 5.13
CA GLU C 165 -9.79 32.78 5.52
C GLU C 165 -10.84 33.68 6.16
N GLN C 166 -12.10 33.22 6.08
CA GLN C 166 -13.23 33.98 6.61
C GLN C 166 -12.99 34.38 8.06
N ASP C 167 -13.46 35.57 8.44
CA ASP C 167 -13.27 36.02 9.81
C ASP C 167 -14.24 35.32 10.76
N SER C 168 -13.73 34.94 11.94
CA SER C 168 -14.60 34.31 12.92
C SER C 168 -15.56 35.31 13.54
N LYS C 169 -15.17 36.59 13.63
CA LYS C 169 -16.06 37.62 14.16
C LYS C 169 -17.14 38.02 13.13
N ASP C 170 -16.74 38.57 11.97
CA ASP C 170 -17.69 39.21 11.07
C ASP C 170 -17.94 38.45 9.78
N SER C 171 -17.36 37.28 9.58
CA SER C 171 -17.64 36.41 8.43
C SER C 171 -17.29 37.06 7.09
N THR C 172 -16.33 38.00 7.09
CA THR C 172 -15.83 38.65 5.87
C THR C 172 -14.47 38.08 5.45
N TYR C 173 -14.07 38.44 4.24
CA TYR C 173 -12.78 38.07 3.66
C TYR C 173 -11.98 39.34 3.38
N SER C 174 -10.68 39.16 3.10
CA SER C 174 -9.81 40.26 2.68
C SER C 174 -8.85 39.72 1.62
N LEU C 175 -8.52 40.57 0.65
CA LEU C 175 -7.69 40.16 -0.47
C LEU C 175 -6.50 41.11 -0.58
N SER C 176 -5.31 40.58 -0.93
CA SER C 176 -4.12 41.40 -1.18
C SER C 176 -3.52 41.05 -2.54
N SER C 177 -3.36 42.05 -3.40
CA SER C 177 -2.75 41.86 -4.72
C SER C 177 -1.40 42.55 -4.71
N THR C 178 -0.44 41.94 -5.41
CA THR C 178 0.91 42.49 -5.53
C THR C 178 1.25 42.57 -7.02
N LEU C 179 1.42 43.79 -7.51
CA LEU C 179 1.86 44.07 -8.87
C LEU C 179 3.36 44.34 -8.84
N THR C 180 4.13 43.52 -9.55
CA THR C 180 5.58 43.58 -9.51
C THR C 180 6.18 43.97 -10.86
N LEU C 181 7.06 44.98 -10.84
CA LEU C 181 7.74 45.43 -12.04
C LEU C 181 9.22 45.66 -11.73
N SER C 182 10.02 45.73 -12.79
CA SER C 182 11.41 46.17 -12.68
C SER C 182 11.45 47.69 -12.53
N LYS C 183 12.50 48.19 -11.84
CA LYS C 183 12.63 49.64 -11.66
C LYS C 183 12.65 50.35 -13.01
N ALA C 184 13.26 49.71 -14.01
CA ALA C 184 13.29 50.22 -15.37
C ALA C 184 11.90 50.57 -15.88
N ASP C 185 10.97 49.61 -15.83
CA ASP C 185 9.63 49.86 -16.32
C ASP C 185 8.75 50.58 -15.32
N TYR C 186 9.10 50.53 -14.02
CA TYR C 186 8.34 51.30 -13.05
C TYR C 186 8.50 52.80 -13.32
N GLU C 187 9.71 53.22 -13.74
CA GLU C 187 9.95 54.63 -14.01
C GLU C 187 9.54 55.06 -15.41
N LYS C 188 9.30 54.12 -16.31
CA LYS C 188 8.78 54.43 -17.64
C LYS C 188 7.28 54.78 -17.64
N HIS C 189 6.63 54.95 -16.48
CA HIS C 189 5.20 55.27 -16.44
C HIS C 189 4.91 56.11 -15.20
N LYS C 190 3.72 56.73 -15.15
CA LYS C 190 3.37 57.62 -14.05
C LYS C 190 2.15 57.18 -13.24
N VAL C 191 1.05 56.83 -13.89
CA VAL C 191 -0.20 56.53 -13.20
C VAL C 191 -0.28 55.05 -12.87
N TYR C 192 -0.52 54.75 -11.59
CA TYR C 192 -0.60 53.38 -11.10
C TYR C 192 -1.86 53.20 -10.27
N ALA C 193 -2.90 52.63 -10.87
CA ALA C 193 -4.19 52.39 -10.21
C ALA C 193 -4.47 50.89 -10.05
N CYS C 194 -5.29 50.55 -9.05
CA CYS C 194 -6.02 49.27 -9.05
C CYS C 194 -7.52 49.53 -9.02
N GLU C 195 -8.25 48.87 -9.91
CA GLU C 195 -9.71 48.97 -10.04
C GLU C 195 -10.35 47.69 -9.52
N VAL C 196 -11.05 47.80 -8.42
CA VAL C 196 -11.77 46.71 -7.79
C VAL C 196 -13.22 46.72 -8.26
N THR C 197 -13.75 45.54 -8.63
CA THR C 197 -15.19 45.39 -8.81
C THR C 197 -15.66 44.21 -7.96
N HIS C 198 -16.82 44.39 -7.33
CA HIS C 198 -17.35 43.49 -6.32
C HIS C 198 -18.86 43.73 -6.23
N GLN C 199 -19.58 42.79 -5.62
CA GLN C 199 -21.05 42.86 -5.63
C GLN C 199 -21.61 43.95 -4.73
N GLY C 200 -20.84 44.42 -3.75
CA GLY C 200 -21.29 45.43 -2.81
C GLY C 200 -21.00 46.86 -3.21
N LEU C 201 -20.30 47.06 -4.31
CA LEU C 201 -20.00 48.38 -4.84
C LEU C 201 -20.93 48.63 -6.01
N SER C 202 -21.55 49.81 -6.04
CA SER C 202 -22.45 50.19 -7.12
C SER C 202 -21.70 50.59 -8.38
N SER C 203 -20.46 51.03 -8.25
CA SER C 203 -19.55 51.26 -9.35
C SER C 203 -18.18 50.80 -8.88
N PRO C 204 -17.25 50.52 -9.82
CA PRO C 204 -15.95 49.94 -9.42
C PRO C 204 -15.03 51.00 -8.84
N VAL C 205 -14.42 50.69 -7.69
CA VAL C 205 -13.54 51.65 -7.00
C VAL C 205 -12.15 51.59 -7.60
N THR C 206 -11.64 52.74 -8.07
CA THR C 206 -10.29 52.80 -8.62
C THR C 206 -9.44 53.68 -7.71
N LYS C 207 -8.25 53.19 -7.37
CA LYS C 207 -7.42 53.81 -6.33
C LYS C 207 -6.01 53.87 -6.89
N SER C 208 -5.45 55.08 -6.98
CA SER C 208 -4.18 55.26 -7.71
C SER C 208 -3.26 56.25 -6.99
N PHE C 209 -2.14 56.53 -7.66
CA PHE C 209 -1.09 57.42 -7.19
C PHE C 209 -0.16 57.65 -8.37
N ASN C 210 0.65 58.71 -8.27
CA ASN C 210 1.65 59.06 -9.27
C ASN C 210 3.05 58.75 -8.77
N ARG C 211 3.94 58.36 -9.71
CA ARG C 211 5.21 57.73 -9.36
C ARG C 211 6.08 58.63 -8.47
N GLY C 212 6.06 59.94 -8.72
CA GLY C 212 6.94 60.84 -7.99
C GLY C 212 6.63 61.07 -6.52
N GLU C 213 5.53 61.77 -6.23
CA GLU C 213 5.28 62.36 -4.92
C GLU C 213 4.76 61.37 -3.90
N CYS C 214 5.47 60.23 -3.76
CA CYS C 214 5.10 59.08 -2.92
C CYS C 214 4.04 58.16 -3.61
#